data_5Y1K
#
_entry.id   5Y1K
#
_cell.length_a   74.275
_cell.length_b   109.254
_cell.length_c   111.884
_cell.angle_alpha   90.000
_cell.angle_beta   90.000
_cell.angle_gamma   90.000
#
_symmetry.space_group_name_H-M   'P 21 21 21'
#
loop_
_entity.id
_entity.type
_entity.pdbx_description
1 polymer 'M1 family aminopeptidase'
2 non-polymer 'ZINC ION'
3 non-polymer 'MAGNESIUM ION'
4 non-polymer GLYCEROL
5 non-polymer (2S)-2-[(2-chlorophenyl)methylcarbamoylamino]-4-methyl-N-oxidanyl-pentanamide
6 water water
#
_entity_poly.entity_id   1
_entity_poly.type   'polypeptide(L)'
_entity_poly.pdbx_seq_one_letter_code
;MGSSHHHHHHSSGLVPRGSHMASEPKIHYRKDYKPSGFIINNVTLNINIHDNETIVRSVLDMDISKHNVGEDLVFDGVGL
KINEISINNKKLVEGEEYTYDNEFLTIFSKFVPKSKFAFSSEVIIHPETNYALTGLYKSKNIIVSQCEATGFRRITFFID
RPDMMAKYDVTVTADKEKYPVLLSNGDKVNEFEIPGGRHGARFNDPHLKPCYLFAVVAGDLKHLSATYITKYTKKKVELY
VFSEEKYVSKLQWALECLKKSMAFDEDYFGLEYDLSRLNLVAVSDFNVGAMENKGLNIFNANSLLASKKNSIDFSYARIL
TVVGHEYFHNYTGNRVTLRDWFQLTLKEGLTVHRENLFSEEMTKTVTTRLSHVDLLRSVQFLEDSSPLSHPIRPESYVSM
ENFYTTTVYDKGSEVMRMYLTILGEEYYKKGFDIYIKKNDGNTATCEDFNYAMEQAYKMKKADNSANLNQYLLWFSQSGT
PHVSFKYNYDAEKKQYSIHVNQYTKPDENQKEKKPLFIPISVGLINPENGKEMISQTTLELTKESDTFVFNNIAVKPIPS
LFRGFSAPVYIEDNLTDEERILLLKYDSDAFVRYNSCTNIYMKQILMNYNEFLKAKNEKLESFNLTPVNAQFIDAIKYLL
EDPHADAGFKSYIVSLPQDRYIINFVSNLDTDVLADTKEYIYKQIGDKLNDVYYKMFKSLEAKADDLTYFNDESHVDFDQ
MNMRTLRNTLLSLLSKAQYPNILNEIIEHSKSPYPSNWLTSLSVSAYFDKYFELYDKTYKLSKDDELLLQEWLKTVSRSD
RKDIYEILKKLENEVLKDSKNPNDIRAVYLPFTNNLRRFHDISGKGYKLIAEVITKTDKFNPMVATQLCEPFKLWNKLDT
KRQELMLNEMNTMLQEPNISNNLKEYLLRLTNKL
;
_entity_poly.pdbx_strand_id   A
#
# COMPACT_ATOMS: atom_id res chain seq x y z
N PRO A 25 23.31 13.63 9.65
CA PRO A 25 22.01 13.30 10.23
C PRO A 25 22.01 12.43 11.54
N LYS A 26 20.91 12.52 12.34
CA LYS A 26 20.73 11.77 13.63
C LYS A 26 20.11 10.30 13.55
N ILE A 27 20.95 9.29 13.78
CA ILE A 27 20.64 7.91 13.35
C ILE A 27 20.32 6.95 14.49
N HIS A 28 19.15 6.29 14.42
CA HIS A 28 18.74 5.30 15.40
C HIS A 28 18.99 3.88 14.84
N TYR A 29 19.54 2.98 15.66
CA TYR A 29 19.94 1.64 15.25
C TYR A 29 19.13 0.59 15.98
N ARG A 30 18.72 -0.46 15.26
CA ARG A 30 17.90 -1.46 15.83
C ARG A 30 18.57 -2.11 17.02
N LYS A 31 19.86 -2.36 16.93
CA LYS A 31 20.60 -3.04 18.00
C LYS A 31 20.66 -2.30 19.35
N ASP A 32 20.47 -0.99 19.31
CA ASP A 32 20.55 -0.13 20.51
C ASP A 32 19.25 -0.01 21.26
N TYR A 33 18.20 -0.80 20.90
CA TYR A 33 16.94 -0.77 21.66
C TYR A 33 17.23 -1.01 23.14
N LYS A 34 16.67 -0.17 23.99
CA LYS A 34 16.69 -0.31 25.45
C LYS A 34 15.33 0.12 26.02
N PRO A 35 14.78 -0.64 26.98
CA PRO A 35 13.52 -0.19 27.62
C PRO A 35 13.74 1.12 28.35
N SER A 36 12.67 1.88 28.47
CA SER A 36 12.77 3.17 29.16
C SER A 36 13.02 3.03 30.67
N GLY A 37 13.64 4.06 31.22
CA GLY A 37 13.72 4.23 32.66
C GLY A 37 12.45 4.69 33.38
N PHE A 38 11.38 4.93 32.62
CA PHE A 38 10.19 5.47 33.12
C PHE A 38 9.02 4.62 32.64
N ILE A 39 7.91 4.83 33.31
CA ILE A 39 6.62 4.25 32.96
C ILE A 39 5.59 5.34 32.98
N ILE A 40 4.67 5.30 32.04
CA ILE A 40 3.54 6.21 32.01
C ILE A 40 2.31 5.27 32.11
N ASN A 41 1.58 5.36 33.21
CA ASN A 41 0.44 4.46 33.43
C ASN A 41 -0.87 5.00 32.94
N ASN A 42 -1.13 6.30 33.17
CA ASN A 42 -2.42 6.95 32.81
C ASN A 42 -2.14 8.28 32.22
N VAL A 43 -2.98 8.64 31.24
CA VAL A 43 -2.86 9.91 30.54
C VAL A 43 -4.23 10.51 30.68
N THR A 44 -4.31 11.74 31.18
CA THR A 44 -5.59 12.43 31.30
C THR A 44 -5.49 13.76 30.57
N LEU A 45 -6.27 13.91 29.50
CA LEU A 45 -6.16 15.05 28.58
C LEU A 45 -7.40 15.90 28.61
N ASN A 46 -7.20 17.21 28.50
CA ASN A 46 -8.25 18.13 28.22
C ASN A 46 -7.80 18.89 26.94
N ILE A 47 -8.53 18.77 25.85
CA ILE A 47 -8.20 19.40 24.61
C ILE A 47 -9.30 20.45 24.31
N ASN A 48 -8.94 21.71 24.42
CA ASN A 48 -9.91 22.80 24.36
C ASN A 48 -9.67 23.54 23.06
N ILE A 49 -10.59 23.35 22.10
CA ILE A 49 -10.43 23.84 20.75
C ILE A 49 -11.08 25.22 20.66
N HIS A 50 -10.28 26.22 20.31
CA HIS A 50 -10.81 27.57 20.07
C HIS A 50 -10.53 27.98 18.59
N ASP A 51 -11.00 29.16 18.17
CA ASP A 51 -10.88 29.55 16.76
C ASP A 51 -9.46 29.69 16.30
N ASN A 52 -8.63 30.33 17.12
CA ASN A 52 -7.24 30.55 16.74
C ASN A 52 -6.23 29.82 17.58
N GLU A 53 -6.64 28.89 18.44
CA GLU A 53 -5.69 28.13 19.21
C GLU A 53 -6.39 26.93 19.85
N THR A 54 -5.61 25.87 20.10
CA THR A 54 -6.10 24.74 20.87
C THR A 54 -5.19 24.57 22.08
N ILE A 55 -5.81 24.45 23.25
CA ILE A 55 -5.09 24.33 24.49
C ILE A 55 -5.17 22.91 24.94
N VAL A 56 -4.01 22.30 25.19
CA VAL A 56 -3.95 20.93 25.63
C VAL A 56 -3.38 20.85 27.03
N ARG A 57 -4.22 20.44 27.98
CA ARG A 57 -3.75 20.19 29.34
C ARG A 57 -3.64 18.70 29.52
N SER A 58 -2.53 18.23 30.08
CA SER A 58 -2.27 16.81 30.21
C SER A 58 -1.63 16.41 31.51
N VAL A 59 -2.22 15.44 32.21
CA VAL A 59 -1.59 14.85 33.38
C VAL A 59 -1.14 13.45 33.04
N LEU A 60 0.16 13.20 33.22
CA LEU A 60 0.75 11.90 33.09
C LEU A 60 1.02 11.27 34.50
N ASP A 61 0.30 10.20 34.85
CA ASP A 61 0.57 9.47 36.05
CA ASP A 61 0.50 9.35 36.05
C ASP A 61 1.71 8.48 35.71
N MET A 62 2.89 8.78 36.26
CA MET A 62 4.13 8.11 35.93
C MET A 62 4.81 7.41 37.09
N ASP A 63 5.82 6.61 36.74
CA ASP A 63 6.63 5.88 37.73
C ASP A 63 8.02 5.66 37.14
N ILE A 64 8.89 5.14 37.99
CA ILE A 64 10.22 4.78 37.65
C ILE A 64 10.24 3.30 37.35
N SER A 65 10.87 2.91 36.24
CA SER A 65 10.95 1.46 35.87
C SER A 65 12.15 0.80 36.53
N LYS A 66 12.14 -0.52 36.46
CA LYS A 66 13.31 -1.29 36.89
C LYS A 66 14.62 -1.00 36.18
N HIS A 67 14.55 -0.36 35.01
CA HIS A 67 15.70 -0.02 34.19
C HIS A 67 16.29 1.34 34.51
N ASN A 68 15.64 2.14 35.36
CA ASN A 68 16.08 3.48 35.70
C ASN A 68 17.45 3.49 36.39
N VAL A 69 18.28 4.42 35.96
CA VAL A 69 19.67 4.60 36.54
C VAL A 69 19.83 6.07 37.01
N GLY A 70 18.71 6.68 37.35
CA GLY A 70 18.71 8.09 37.77
C GLY A 70 18.94 9.12 36.69
N GLU A 71 18.57 8.81 35.46
CA GLU A 71 18.72 9.72 34.31
C GLU A 71 17.72 10.89 34.34
N ASP A 72 18.07 11.96 33.60
CA ASP A 72 17.15 12.98 33.29
C ASP A 72 15.84 12.40 32.67
N LEU A 73 14.72 13.08 32.93
CA LEU A 73 13.44 12.70 32.30
C LEU A 73 13.28 13.53 31.04
N VAL A 74 13.32 12.87 29.87
CA VAL A 74 13.26 13.58 28.60
C VAL A 74 12.00 13.20 27.84
N PHE A 75 11.18 14.19 27.56
CA PHE A 75 9.97 14.01 26.80
C PHE A 75 10.19 14.50 25.37
N ASP A 76 9.57 13.78 24.43
CA ASP A 76 9.34 14.36 23.10
C ASP A 76 8.26 15.43 23.13
N GLY A 77 8.47 16.53 22.42
CA GLY A 77 7.49 17.57 22.33
C GLY A 77 7.93 18.55 21.23
N VAL A 78 7.22 18.53 20.12
CA VAL A 78 7.61 19.27 18.90
C VAL A 78 6.65 20.41 18.60
N GLY A 79 7.20 21.62 18.53
CA GLY A 79 6.46 22.80 18.21
C GLY A 79 5.42 23.23 19.24
N LEU A 80 5.61 22.86 20.52
CA LEU A 80 4.62 23.13 21.56
C LEU A 80 4.96 24.49 22.21
N LYS A 81 3.94 25.28 22.47
CA LYS A 81 4.12 26.53 23.20
C LYS A 81 3.75 26.21 24.69
N ILE A 82 4.69 26.32 25.61
CA ILE A 82 4.42 25.89 26.99
C ILE A 82 3.70 26.98 27.73
N ASN A 83 2.55 26.66 28.35
CA ASN A 83 1.94 27.53 29.34
C ASN A 83 2.42 27.22 30.74
N GLU A 84 2.51 25.93 31.08
CA GLU A 84 2.98 25.52 32.37
C GLU A 84 3.45 24.08 32.42
N ILE A 85 4.41 23.82 33.28
CA ILE A 85 4.93 22.50 33.53
C ILE A 85 4.99 22.31 35.07
N SER A 86 4.56 21.14 35.60
CA SER A 86 4.67 20.82 37.04
C SER A 86 4.92 19.37 37.29
N ILE A 87 5.55 19.06 38.42
CA ILE A 87 5.61 17.69 38.89
C ILE A 87 5.02 17.66 40.30
N ASN A 88 4.02 16.79 40.58
CA ASN A 88 3.36 16.76 41.92
C ASN A 88 2.96 18.17 42.41
N ASN A 89 2.43 18.93 41.45
CA ASN A 89 1.88 20.26 41.64
C ASN A 89 2.94 21.26 41.99
N LYS A 90 4.21 20.90 41.85
CA LYS A 90 5.32 21.89 41.96
C LYS A 90 5.66 22.50 40.59
N LYS A 91 5.49 23.81 40.41
CA LYS A 91 5.81 24.43 39.12
C LYS A 91 7.30 24.29 38.85
N LEU A 92 7.63 23.88 37.63
CA LEU A 92 8.98 23.84 37.14
C LEU A 92 9.23 24.98 36.17
N VAL A 93 10.45 25.52 36.22
CA VAL A 93 10.84 26.69 35.45
C VAL A 93 11.98 26.46 34.45
N GLU A 94 11.85 27.07 33.26
CA GLU A 94 12.80 26.92 32.19
C GLU A 94 14.11 27.48 32.62
N GLY A 95 15.19 26.74 32.41
CA GLY A 95 16.51 27.16 32.82
C GLY A 95 16.85 26.73 34.21
N GLU A 96 15.88 26.36 35.04
CA GLU A 96 16.17 25.99 36.37
C GLU A 96 15.91 24.51 36.61
N GLU A 97 14.71 24.04 36.30
CA GLU A 97 14.43 22.62 36.49
C GLU A 97 14.25 21.89 35.13
N TYR A 98 14.04 22.61 34.04
CA TYR A 98 13.90 22.01 32.74
C TYR A 98 14.54 22.84 31.62
N THR A 99 14.79 22.21 30.46
CA THR A 99 15.06 22.98 29.22
C THR A 99 14.13 22.50 28.17
N TYR A 100 13.78 23.38 27.23
CA TYR A 100 12.97 22.95 26.07
C TYR A 100 13.52 23.59 24.82
N ASP A 101 13.82 22.78 23.79
CA ASP A 101 14.44 23.29 22.52
C ASP A 101 13.51 23.14 21.31
N ASN A 102 12.20 23.09 21.52
CA ASN A 102 11.23 22.77 20.47
C ASN A 102 11.11 21.38 19.93
N GLU A 103 11.92 20.48 20.45
CA GLU A 103 11.89 19.07 20.14
C GLU A 103 11.83 18.13 21.37
N PHE A 104 12.62 18.43 22.37
CA PHE A 104 12.73 17.66 23.59
C PHE A 104 12.64 18.54 24.81
N LEU A 105 11.86 18.09 25.76
CA LEU A 105 11.73 18.73 27.06
C LEU A 105 12.54 17.86 28.03
N THR A 106 13.59 18.46 28.59
CA THR A 106 14.47 17.76 29.56
C THR A 106 14.18 18.25 30.99
N ILE A 107 13.69 17.35 31.85
CA ILE A 107 13.60 17.60 33.30
C ILE A 107 14.89 17.05 33.95
N PHE A 108 15.66 17.92 34.62
CA PHE A 108 16.88 17.48 35.23
C PHE A 108 16.59 16.47 36.37
N SER A 109 17.41 15.43 36.40
CA SER A 109 17.23 14.30 37.27
C SER A 109 17.00 14.61 38.74
N LYS A 110 17.62 15.69 39.24
CA LYS A 110 17.28 16.18 40.57
C LYS A 110 15.87 16.43 40.89
N PHE A 111 15.06 16.80 39.90
CA PHE A 111 13.67 17.14 40.08
C PHE A 111 12.72 16.05 39.62
N VAL A 112 13.31 14.91 39.25
CA VAL A 112 12.56 13.70 38.90
C VAL A 112 12.36 12.84 40.13
N PRO A 113 11.11 12.60 40.49
CA PRO A 113 10.87 11.80 41.70
C PRO A 113 11.35 10.37 41.59
N LYS A 114 11.57 9.70 42.72
CA LYS A 114 12.06 8.35 42.69
C LYS A 114 10.96 7.29 42.88
N SER A 115 9.72 7.70 42.96
CA SER A 115 8.57 6.78 42.94
C SER A 115 7.43 7.48 42.20
N LYS A 116 6.25 6.88 42.22
CA LYS A 116 5.13 7.36 41.46
C LYS A 116 4.92 8.86 41.58
N PHE A 117 4.69 9.53 40.44
CA PHE A 117 4.54 11.00 40.38
C PHE A 117 3.63 11.45 39.26
N ALA A 118 3.09 12.67 39.36
CA ALA A 118 2.20 13.22 38.36
C ALA A 118 2.95 14.34 37.66
N PHE A 119 3.04 14.22 36.35
CA PHE A 119 3.63 15.25 35.52
C PHE A 119 2.46 15.95 34.81
N SER A 120 2.41 17.27 34.95
CA SER A 120 1.39 18.07 34.33
C SER A 120 2.05 19.05 33.33
N SER A 121 1.40 19.20 32.17
CA SER A 121 1.75 20.27 31.23
C SER A 121 0.51 20.83 30.60
N GLU A 122 0.61 22.11 30.28
CA GLU A 122 -0.39 22.78 29.43
C GLU A 122 0.35 23.48 28.32
N VAL A 123 -0.07 23.22 27.07
CA VAL A 123 0.62 23.77 25.91
C VAL A 123 -0.45 24.30 25.01
N ILE A 124 -0.04 25.16 24.07
CA ILE A 124 -0.86 25.66 23.00
C ILE A 124 -0.35 25.18 21.62
N ILE A 125 -1.26 24.73 20.81
CA ILE A 125 -0.99 24.26 19.46
C ILE A 125 -2.01 24.91 18.52
N HIS A 126 -1.83 24.69 17.23
CA HIS A 126 -2.60 25.45 16.16
C HIS A 126 -3.02 24.54 15.00
N PRO A 127 -4.09 23.76 15.18
CA PRO A 127 -4.49 22.87 14.11
C PRO A 127 -4.81 23.55 12.78
N GLU A 128 -5.39 24.75 12.89
CA GLU A 128 -5.76 25.55 11.73
C GLU A 128 -4.61 25.86 10.74
N THR A 129 -3.38 25.85 11.24
CA THR A 129 -2.23 26.08 10.39
C THR A 129 -1.34 24.84 10.25
N ASN A 130 -1.84 23.68 10.61
CA ASN A 130 -0.98 22.49 10.59
C ASN A 130 -1.23 21.81 9.22
N TYR A 131 -0.45 22.19 8.23
CA TYR A 131 -0.66 21.66 6.86
C TYR A 131 0.11 20.35 6.60
N ALA A 132 0.83 19.85 7.58
CA ALA A 132 1.66 18.65 7.42
C ALA A 132 0.79 17.43 7.71
N LEU A 133 -0.39 17.64 8.31
CA LEU A 133 -1.43 16.58 8.52
C LEU A 133 -0.85 15.49 9.41
N THR A 134 -0.08 15.94 10.37
CA THR A 134 0.44 15.10 11.41
C THR A 134 0.35 15.85 12.75
N GLY A 135 -0.02 15.14 13.82
CA GLY A 135 -0.49 15.81 15.01
C GLY A 135 -1.98 16.18 14.93
N LEU A 136 -2.35 17.31 15.52
CA LEU A 136 -3.74 17.82 15.44
C LEU A 136 -3.86 18.87 14.34
N TYR A 137 -4.79 18.63 13.41
CA TYR A 137 -4.91 19.53 12.26
C TYR A 137 -6.35 19.71 11.85
N LYS A 138 -6.56 20.67 10.96
CA LYS A 138 -7.87 21.00 10.45
C LYS A 138 -7.99 20.57 9.00
N SER A 139 -8.94 19.67 8.71
CA SER A 139 -9.26 19.25 7.35
C SER A 139 -10.60 19.80 6.94
N LYS A 140 -10.60 20.83 6.12
CA LYS A 140 -11.82 21.58 5.78
C LYS A 140 -12.43 22.11 7.09
N ASN A 141 -13.59 21.68 7.48
CA ASN A 141 -14.09 22.17 8.73
C ASN A 141 -14.06 21.09 9.82
N ILE A 142 -13.22 20.06 9.66
CA ILE A 142 -13.09 19.02 10.69
C ILE A 142 -11.73 19.12 11.37
N ILE A 143 -11.72 19.06 12.70
CA ILE A 143 -10.46 18.98 13.46
C ILE A 143 -10.18 17.47 13.66
N VAL A 144 -8.99 17.04 13.34
CA VAL A 144 -8.63 15.60 13.38
C VAL A 144 -7.16 15.43 13.73
N SER A 145 -6.85 14.28 14.31
CA SER A 145 -5.45 13.94 14.64
C SER A 145 -4.93 12.84 13.72
N GLN A 146 -3.61 12.83 13.59
CA GLN A 146 -2.84 11.71 13.09
C GLN A 146 -1.55 11.59 13.90
N CYS A 147 -1.46 10.52 14.68
CA CYS A 147 -0.33 10.37 15.59
C CYS A 147 0.68 9.36 15.16
N GLU A 148 0.31 8.29 14.44
CA GLU A 148 1.37 7.39 13.95
C GLU A 148 2.23 8.11 12.87
N ALA A 149 3.56 8.06 12.92
CA ALA A 149 4.38 7.41 13.97
C ALA A 149 4.78 8.35 15.15
N THR A 150 5.13 9.56 14.76
CA THR A 150 5.68 10.56 15.71
C THR A 150 4.83 11.81 15.81
N GLY A 151 3.53 11.68 15.63
CA GLY A 151 2.63 12.82 15.73
C GLY A 151 2.08 13.16 17.10
N PHE A 152 2.07 12.22 18.08
CA PHE A 152 1.48 12.56 19.37
C PHE A 152 2.33 13.67 20.01
N ARG A 153 3.65 13.62 19.79
CA ARG A 153 4.53 14.66 20.36
C ARG A 153 4.27 16.05 19.83
N ARG A 154 3.54 16.18 18.73
CA ARG A 154 3.07 17.46 18.25
C ARG A 154 1.78 17.95 18.89
N ILE A 155 1.18 17.17 19.79
CA ILE A 155 -0.08 17.52 20.47
C ILE A 155 0.28 17.85 21.96
N THR A 156 1.12 17.04 22.56
CA THR A 156 1.56 17.21 23.94
C THR A 156 2.85 16.40 24.23
N PHE A 157 3.45 16.61 25.42
CA PHE A 157 4.69 15.96 25.74
C PHE A 157 4.44 14.49 26.05
N PHE A 158 5.34 13.64 25.56
CA PHE A 158 5.24 12.22 25.88
C PHE A 158 6.57 11.59 25.66
N ILE A 159 6.73 10.38 26.20
CA ILE A 159 7.86 9.53 25.77
C ILE A 159 7.36 8.76 24.54
N ASP A 160 7.50 9.37 23.37
CA ASP A 160 6.69 9.07 22.22
C ASP A 160 7.28 7.90 21.47
N ARG A 161 7.03 6.70 21.99
CA ARG A 161 7.57 5.44 21.45
C ARG A 161 6.56 4.33 21.81
N PRO A 162 6.46 3.29 20.99
CA PRO A 162 5.33 2.37 21.10
C PRO A 162 5.36 1.42 22.27
N ASP A 163 6.50 1.30 22.96
CA ASP A 163 6.56 0.50 24.15
C ASP A 163 6.01 1.19 25.41
N MET A 164 5.69 2.48 25.31
CA MET A 164 5.20 3.27 26.49
C MET A 164 3.69 3.18 26.48
N MET A 165 3.15 2.07 26.99
CA MET A 165 1.75 1.83 26.97
C MET A 165 1.03 2.37 28.22
N ALA A 166 -0.15 2.93 28.00
CA ALA A 166 -0.89 3.63 29.05
C ALA A 166 -2.39 3.62 28.78
N LYS A 167 -3.19 3.99 29.81
CA LYS A 167 -4.62 4.16 29.62
C LYS A 167 -5.02 5.60 29.58
N TYR A 168 -6.04 5.92 28.76
CA TYR A 168 -6.32 7.28 28.34
C TYR A 168 -7.74 7.73 28.78
N ASP A 169 -7.82 8.91 29.37
CA ASP A 169 -9.04 9.64 29.77
C ASP A 169 -9.00 10.99 29.10
N VAL A 170 -9.92 11.21 28.14
CA VAL A 170 -9.78 12.31 27.20
C VAL A 170 -11.04 13.16 27.18
N THR A 171 -10.89 14.45 27.52
CA THR A 171 -11.97 15.38 27.41
C THR A 171 -11.71 16.34 26.24
N VAL A 172 -12.68 16.51 25.35
CA VAL A 172 -12.60 17.51 24.26
C VAL A 172 -13.70 18.54 24.46
N THR A 173 -13.35 19.79 24.31
CA THR A 173 -14.33 20.88 24.33
C THR A 173 -14.11 21.77 23.07
N ALA A 174 -15.21 22.41 22.69
CA ALA A 174 -15.25 23.19 21.45
C ALA A 174 -16.60 23.98 21.40
N ASP A 175 -16.68 24.86 20.42
CA ASP A 175 -17.94 25.56 20.08
C ASP A 175 -18.96 24.54 19.58
N LYS A 176 -20.16 24.52 20.17
CA LYS A 176 -21.18 23.56 19.82
C LYS A 176 -21.70 23.72 18.38
N GLU A 177 -21.86 24.94 17.90
CA GLU A 177 -22.39 25.21 16.54
C GLU A 177 -21.41 24.66 15.46
N LYS A 178 -20.14 24.99 15.64
CA LYS A 178 -19.09 24.61 14.71
C LYS A 178 -18.69 23.14 14.82
N TYR A 179 -18.70 22.61 16.04
CA TYR A 179 -18.20 21.29 16.32
C TYR A 179 -19.15 20.46 17.16
N PRO A 180 -20.36 20.16 16.62
CA PRO A 180 -21.31 19.41 17.40
C PRO A 180 -20.98 17.95 17.67
N VAL A 181 -20.14 17.29 16.85
CA VAL A 181 -19.70 15.91 17.14
C VAL A 181 -18.25 15.90 17.61
N LEU A 182 -18.07 15.32 18.80
CA LEU A 182 -16.75 15.17 19.46
C LEU A 182 -16.49 13.72 19.69
N LEU A 183 -15.33 13.22 19.25
CA LEU A 183 -15.01 11.80 19.36
C LEU A 183 -13.56 11.66 19.87
N SER A 184 -13.36 10.73 20.77
CA SER A 184 -12.04 10.19 21.07
C SER A 184 -12.13 8.74 21.31
N ASN A 185 -11.00 8.11 21.62
CA ASN A 185 -11.00 6.65 21.65
C ASN A 185 -11.88 6.14 22.81
N GLY A 186 -12.65 5.10 22.57
CA GLY A 186 -13.24 4.38 23.68
C GLY A 186 -14.66 4.89 24.01
N ASP A 187 -15.07 4.58 25.24
CA ASP A 187 -16.45 4.77 25.79
C ASP A 187 -16.72 6.24 25.99
N LYS A 188 -17.79 6.80 25.46
CA LYS A 188 -18.13 8.19 25.80
C LYS A 188 -18.81 8.16 27.18
N VAL A 189 -18.22 8.78 28.17
CA VAL A 189 -18.71 8.63 29.57
C VAL A 189 -19.44 9.84 30.10
N ASN A 190 -19.36 10.95 29.39
CA ASN A 190 -20.09 12.15 29.78
C ASN A 190 -20.14 13.13 28.61
N GLU A 191 -21.16 13.97 28.61
CA GLU A 191 -21.34 15.04 27.63
C GLU A 191 -21.90 16.20 28.42
N PHE A 192 -21.43 17.43 28.20
CA PHE A 192 -21.84 18.53 29.01
C PHE A 192 -21.80 19.83 28.28
N GLU A 193 -22.62 20.75 28.79
CA GLU A 193 -22.61 22.14 28.28
C GLU A 193 -21.60 22.98 29.00
N ILE A 194 -21.09 23.98 28.32
CA ILE A 194 -20.07 24.90 28.85
C ILE A 194 -20.54 26.30 28.47
N PRO A 195 -20.42 27.29 29.41
CA PRO A 195 -20.86 28.65 29.07
C PRO A 195 -20.21 29.21 27.80
N GLY A 196 -20.86 30.18 27.17
CA GLY A 196 -20.38 30.78 25.95
C GLY A 196 -20.60 29.99 24.67
N GLY A 197 -21.58 29.06 24.63
CA GLY A 197 -21.91 28.30 23.45
C GLY A 197 -21.00 27.09 23.15
N ARG A 198 -20.22 26.69 24.15
CA ARG A 198 -19.32 25.51 24.06
C ARG A 198 -19.94 24.27 24.63
N HIS A 199 -19.28 23.13 24.40
CA HIS A 199 -19.71 21.87 24.95
C HIS A 199 -18.50 20.94 25.03
N GLY A 200 -18.67 19.89 25.79
CA GLY A 200 -17.63 18.91 26.00
C GLY A 200 -18.08 17.51 25.95
N ALA A 201 -17.11 16.61 25.71
CA ALA A 201 -17.35 15.23 25.84
C ALA A 201 -16.10 14.52 26.38
N ARG A 202 -16.35 13.52 27.23
CA ARG A 202 -15.30 12.76 27.89
C ARG A 202 -15.34 11.31 27.47
N PHE A 203 -14.14 10.79 27.11
CA PHE A 203 -13.91 9.42 26.61
C PHE A 203 -12.96 8.69 27.53
N ASN A 204 -13.26 7.45 27.80
CA ASN A 204 -12.37 6.57 28.55
C ASN A 204 -12.07 5.33 27.70
N ASP A 205 -10.79 5.13 27.37
CA ASP A 205 -10.36 3.95 26.62
C ASP A 205 -9.74 2.97 27.56
N PRO A 206 -10.45 1.84 27.83
CA PRO A 206 -9.98 0.90 28.85
C PRO A 206 -8.79 0.02 28.44
N HIS A 207 -8.43 0.02 27.14
CA HIS A 207 -7.38 -0.85 26.67
C HIS A 207 -6.05 -0.08 26.74
N LEU A 208 -5.04 -0.65 27.38
CA LEU A 208 -3.67 -0.05 27.34
C LEU A 208 -3.27 0.11 25.89
N LYS A 209 -2.62 1.22 25.59
CA LYS A 209 -2.18 1.46 24.23
C LYS A 209 -1.01 2.41 24.19
N PRO A 210 -0.19 2.28 23.14
CA PRO A 210 0.81 3.33 22.82
C PRO A 210 0.16 4.60 22.28
N CYS A 211 0.88 5.71 22.36
CA CYS A 211 0.31 6.95 22.02
C CYS A 211 0.04 7.09 20.52
N TYR A 212 0.67 6.29 19.66
CA TYR A 212 0.40 6.40 18.22
C TYR A 212 -1.05 6.04 17.87
N LEU A 213 -1.77 5.37 18.79
CA LEU A 213 -3.16 4.99 18.57
C LEU A 213 -4.20 5.98 19.19
N PHE A 214 -3.72 7.06 19.82
CA PHE A 214 -4.58 8.10 20.27
C PHE A 214 -5.22 8.80 19.02
N ALA A 215 -6.50 9.11 19.12
CA ALA A 215 -7.17 9.97 18.15
C ALA A 215 -8.25 10.83 18.80
N VAL A 216 -8.47 11.97 18.17
CA VAL A 216 -9.59 12.87 18.44
C VAL A 216 -10.12 13.44 17.13
N VAL A 217 -11.42 13.65 17.09
CA VAL A 217 -12.09 14.29 15.97
C VAL A 217 -13.16 15.26 16.54
N ALA A 218 -13.34 16.36 15.85
CA ALA A 218 -14.38 17.34 16.17
C ALA A 218 -14.88 17.93 14.86
N GLY A 219 -16.19 17.88 14.66
CA GLY A 219 -16.76 18.47 13.48
C GLY A 219 -18.25 18.40 13.41
N ASP A 220 -18.78 18.95 12.32
CA ASP A 220 -20.19 18.86 12.00
C ASP A 220 -20.43 17.59 11.16
N LEU A 221 -20.31 16.44 11.79
CA LEU A 221 -20.35 15.18 11.08
C LEU A 221 -21.73 14.57 11.07
N LYS A 222 -22.07 13.93 9.96
CA LYS A 222 -23.27 13.08 9.89
C LYS A 222 -22.86 11.63 9.83
N HIS A 223 -23.77 10.71 10.14
CA HIS A 223 -23.38 9.32 10.17
C HIS A 223 -24.41 8.36 9.68
N LEU A 224 -23.98 7.14 9.37
CA LEU A 224 -24.87 5.98 9.34
C LEU A 224 -24.47 5.05 10.46
N SER A 225 -25.36 4.18 10.92
CA SER A 225 -25.01 3.27 11.98
C SER A 225 -25.71 1.98 11.84
N ALA A 226 -25.19 0.98 12.53
CA ALA A 226 -25.81 -0.36 12.57
C ALA A 226 -25.33 -1.02 13.84
N THR A 227 -26.00 -2.07 14.27
CA THR A 227 -25.58 -2.86 15.40
C THR A 227 -25.06 -4.21 14.88
N TYR A 228 -23.90 -4.68 15.41
CA TYR A 228 -23.30 -5.93 15.05
C TYR A 228 -23.25 -6.77 16.31
N ILE A 229 -23.66 -8.03 16.20
CA ILE A 229 -23.63 -8.93 17.34
C ILE A 229 -22.51 -9.92 17.14
N THR A 230 -21.58 -10.00 18.11
CA THR A 230 -20.39 -10.83 17.92
C THR A 230 -20.77 -12.28 17.89
N LYS A 231 -19.96 -13.06 17.21
CA LYS A 231 -20.38 -14.42 16.88
C LYS A 231 -20.36 -15.37 18.09
N TYR A 232 -19.36 -15.25 18.95
CA TYR A 232 -19.12 -16.25 20.02
C TYR A 232 -19.66 -15.84 21.38
N THR A 233 -19.44 -14.59 21.75
CA THR A 233 -19.85 -14.06 23.05
C THR A 233 -21.14 -13.24 22.90
N LYS A 234 -21.64 -13.03 21.69
CA LYS A 234 -22.90 -12.27 21.46
C LYS A 234 -22.89 -10.85 22.03
N LYS A 235 -21.77 -10.16 22.00
CA LYS A 235 -21.69 -8.74 22.43
C LYS A 235 -22.31 -7.83 21.33
N LYS A 236 -23.08 -6.82 21.76
CA LYS A 236 -23.62 -5.85 20.84
C LYS A 236 -22.57 -4.81 20.63
N VAL A 237 -22.21 -4.56 19.40
CA VAL A 237 -21.30 -3.46 19.08
C VAL A 237 -22.03 -2.47 18.18
N GLU A 238 -21.94 -1.19 18.51
CA GLU A 238 -22.53 -0.16 17.69
C GLU A 238 -21.48 0.32 16.74
N LEU A 239 -21.82 0.24 15.45
CA LEU A 239 -20.96 0.69 14.36
C LEU A 239 -21.50 1.99 13.82
N TYR A 240 -20.64 2.96 13.80
CA TYR A 240 -20.86 4.34 13.24
C TYR A 240 -19.83 4.66 12.15
N VAL A 241 -20.29 5.19 11.03
CA VAL A 241 -19.42 5.76 10.03
C VAL A 241 -19.79 7.19 9.76
N PHE A 242 -18.79 8.05 9.69
CA PHE A 242 -19.01 9.51 9.65
C PHE A 242 -18.34 10.22 8.51
N SER A 243 -18.99 11.28 8.03
CA SER A 243 -18.42 12.19 7.07
C SER A 243 -19.01 13.56 7.25
N GLU A 244 -18.48 14.52 6.52
CA GLU A 244 -19.17 15.80 6.34
C GLU A 244 -20.55 15.59 5.68
N GLU A 245 -21.44 16.54 5.94
CA GLU A 245 -22.85 16.45 5.57
C GLU A 245 -23.05 16.17 4.04
N LYS A 246 -22.29 16.88 3.22
CA LYS A 246 -22.39 16.76 1.77
C LYS A 246 -22.27 15.32 1.26
N TYR A 247 -21.49 14.49 1.97
CA TYR A 247 -21.16 13.18 1.47
C TYR A 247 -21.63 12.04 2.31
N VAL A 248 -22.61 12.28 3.17
CA VAL A 248 -23.03 11.23 4.11
C VAL A 248 -23.62 10.03 3.33
N SER A 249 -24.21 10.31 2.19
CA SER A 249 -24.77 9.22 1.37
C SER A 249 -23.71 8.30 0.76
N LYS A 250 -22.46 8.69 0.83
CA LYS A 250 -21.34 7.92 0.27
C LYS A 250 -20.74 6.94 1.33
N LEU A 251 -21.37 6.82 2.48
CA LEU A 251 -20.90 5.97 3.59
C LEU A 251 -21.35 4.53 3.60
N GLN A 252 -22.35 4.15 2.78
CA GLN A 252 -22.93 2.84 2.98
C GLN A 252 -22.01 1.64 2.71
N TRP A 253 -21.27 1.66 1.62
CA TRP A 253 -20.42 0.55 1.30
C TRP A 253 -19.34 0.38 2.38
N ALA A 254 -18.83 1.50 2.92
CA ALA A 254 -17.89 1.37 4.04
C ALA A 254 -18.43 0.61 5.23
N LEU A 255 -19.67 0.91 5.60
CA LEU A 255 -20.32 0.25 6.71
C LEU A 255 -20.51 -1.24 6.45
N GLU A 256 -20.95 -1.58 5.25
CA GLU A 256 -21.03 -2.98 4.85
C GLU A 256 -19.68 -3.66 4.91
N CYS A 257 -18.61 -2.98 4.46
CA CYS A 257 -17.30 -3.64 4.44
C CYS A 257 -16.80 -3.82 5.86
N LEU A 258 -17.17 -2.94 6.80
CA LEU A 258 -16.82 -3.18 8.21
C LEU A 258 -17.46 -4.43 8.77
N LYS A 259 -18.75 -4.57 8.47
CA LYS A 259 -19.44 -5.83 8.86
C LYS A 259 -18.79 -7.05 8.28
N LYS A 260 -18.43 -6.96 7.02
CA LYS A 260 -17.68 -8.06 6.38
C LYS A 260 -16.35 -8.35 7.04
N SER A 261 -15.62 -7.29 7.42
CA SER A 261 -14.30 -7.46 8.05
C SER A 261 -14.45 -8.12 9.43
N MET A 262 -15.45 -7.66 10.20
CA MET A 262 -15.67 -8.22 11.53
C MET A 262 -15.99 -9.72 11.41
N ALA A 263 -16.88 -10.06 10.46
CA ALA A 263 -17.30 -11.48 10.23
C ALA A 263 -16.11 -12.34 9.82
N PHE A 264 -15.23 -11.80 8.98
CA PHE A 264 -14.10 -12.59 8.51
C PHE A 264 -13.13 -12.88 9.64
N ASP A 265 -12.82 -11.85 10.43
CA ASP A 265 -11.91 -12.07 11.58
C ASP A 265 -12.49 -13.07 12.58
N GLU A 266 -13.77 -13.04 12.76
CA GLU A 266 -14.50 -14.09 13.57
C GLU A 266 -14.36 -15.49 12.93
N ASP A 267 -14.67 -15.57 11.66
CA ASP A 267 -14.79 -16.84 10.95
C ASP A 267 -13.43 -17.50 10.71
N TYR A 268 -12.43 -16.72 10.32
CA TYR A 268 -11.10 -17.31 10.06
C TYR A 268 -10.21 -17.41 11.27
N PHE A 269 -10.14 -16.33 12.05
CA PHE A 269 -9.20 -16.22 13.12
C PHE A 269 -9.82 -16.36 14.52
N GLY A 270 -11.15 -16.48 14.63
CA GLY A 270 -11.78 -16.50 15.96
C GLY A 270 -11.68 -15.21 16.79
N LEU A 271 -11.55 -14.07 16.14
CA LEU A 271 -11.28 -12.84 16.84
C LEU A 271 -12.48 -11.95 16.80
N GLU A 272 -12.93 -11.53 18.00
CA GLU A 272 -14.04 -10.59 18.15
C GLU A 272 -13.63 -9.23 18.53
N TYR A 273 -14.38 -8.25 18.08
CA TYR A 273 -14.15 -6.85 18.48
C TYR A 273 -14.35 -6.68 20.01
N ASP A 274 -13.70 -5.69 20.60
CA ASP A 274 -13.44 -5.63 22.09
C ASP A 274 -13.88 -4.32 22.77
N LEU A 275 -14.67 -3.50 22.07
CA LEU A 275 -15.29 -2.35 22.65
C LEU A 275 -16.78 -2.33 22.25
N SER A 276 -17.55 -1.49 22.93
CA SER A 276 -19.01 -1.40 22.70
C SER A 276 -19.33 -0.64 21.46
N ARG A 277 -18.38 0.16 20.98
CA ARG A 277 -18.61 0.98 19.81
C ARG A 277 -17.32 1.02 18.95
N LEU A 278 -17.55 1.10 17.67
CA LEU A 278 -16.38 1.36 16.59
C LEU A 278 -16.81 2.49 15.67
N ASN A 279 -16.05 3.56 15.61
CA ASN A 279 -16.31 4.67 14.72
C ASN A 279 -15.29 4.68 13.55
N LEU A 280 -15.77 4.88 12.30
CA LEU A 280 -14.93 5.20 11.17
C LEU A 280 -15.26 6.58 10.73
N VAL A 281 -14.23 7.40 10.51
CA VAL A 281 -14.41 8.83 10.11
C VAL A 281 -13.66 9.14 8.81
N ALA A 282 -14.35 9.75 7.82
CA ALA A 282 -13.70 10.25 6.61
C ALA A 282 -13.30 11.69 6.74
N VAL A 283 -12.07 12.02 6.34
CA VAL A 283 -11.61 13.44 6.25
C VAL A 283 -10.99 13.66 4.87
N SER A 284 -11.13 14.86 4.33
CA SER A 284 -10.64 15.18 2.99
C SER A 284 -9.13 15.23 2.80
N ASP A 285 -8.44 15.58 3.87
CA ASP A 285 -6.99 15.90 3.83
C ASP A 285 -6.27 14.87 4.69
N PHE A 286 -5.62 13.93 4.03
CA PHE A 286 -4.99 12.80 4.76
C PHE A 286 -3.79 12.33 3.98
N ASN A 287 -2.67 12.09 4.68
CA ASN A 287 -1.43 11.71 3.98
C ASN A 287 -1.36 10.41 3.30
N VAL A 288 -2.10 9.40 3.79
CA VAL A 288 -2.07 8.08 3.23
C VAL A 288 -3.53 7.58 3.11
N GLY A 289 -3.75 6.31 3.31
CA GLY A 289 -5.11 5.72 3.16
C GLY A 289 -6.02 5.80 4.37
N ALA A 290 -5.55 5.29 5.51
CA ALA A 290 -6.30 5.31 6.76
C ALA A 290 -5.42 4.90 7.95
N MET A 291 -5.98 4.99 9.14
CA MET A 291 -5.27 4.77 10.43
C MET A 291 -6.16 4.06 11.42
N GLU A 292 -5.58 3.13 12.14
CA GLU A 292 -6.28 2.15 13.00
C GLU A 292 -6.46 2.61 14.47
N ASN A 293 -6.61 3.92 14.71
CA ASN A 293 -6.75 4.39 16.12
C ASN A 293 -7.85 3.54 16.77
N LYS A 294 -7.60 3.14 18.03
CA LYS A 294 -8.46 2.18 18.73
C LYS A 294 -9.87 2.74 18.82
N GLY A 295 -10.83 2.02 18.23
CA GLY A 295 -12.22 2.35 18.28
C GLY A 295 -12.59 3.62 17.47
N LEU A 296 -11.64 4.17 16.74
CA LEU A 296 -11.79 5.48 16.03
C LEU A 296 -10.86 5.54 14.83
N ASN A 297 -11.17 4.74 13.81
CA ASN A 297 -10.35 4.64 12.60
C ASN A 297 -10.67 5.85 11.73
N ILE A 298 -9.62 6.53 11.27
CA ILE A 298 -9.73 7.72 10.46
C ILE A 298 -9.20 7.41 9.10
N PHE A 299 -9.93 7.85 8.08
CA PHE A 299 -9.61 7.53 6.68
C PHE A 299 -9.49 8.76 5.80
N ASN A 300 -8.63 8.63 4.81
CA ASN A 300 -8.67 9.48 3.63
C ASN A 300 -10.09 9.25 3.07
N ALA A 301 -10.82 10.32 2.76
CA ALA A 301 -12.12 10.20 2.13
C ALA A 301 -12.08 9.30 0.88
N ASN A 302 -10.98 9.32 0.15
CA ASN A 302 -10.87 8.43 -1.06
C ASN A 302 -10.87 6.92 -0.77
N SER A 303 -10.69 6.56 0.49
CA SER A 303 -10.62 5.16 0.90
C SER A 303 -11.78 4.79 1.86
N LEU A 304 -12.78 5.65 2.01
CA LEU A 304 -14.00 5.38 2.74
C LEU A 304 -15.30 5.68 1.98
N LEU A 305 -15.30 6.70 1.13
CA LEU A 305 -16.52 7.23 0.53
C LEU A 305 -16.70 6.83 -0.92
N ALA A 306 -17.85 6.23 -1.28
CA ALA A 306 -18.18 6.03 -2.65
C ALA A 306 -19.69 6.05 -2.87
N SER A 307 -20.10 6.33 -4.09
CA SER A 307 -21.46 6.02 -4.52
C SER A 307 -21.35 5.55 -6.01
N LYS A 308 -22.24 4.65 -6.38
CA LYS A 308 -22.14 4.08 -7.72
C LYS A 308 -22.29 5.08 -8.87
N LYS A 309 -23.00 6.17 -8.63
CA LYS A 309 -23.19 7.23 -9.63
C LYS A 309 -21.98 8.14 -9.71
N ASN A 310 -21.17 8.16 -8.68
CA ASN A 310 -20.12 9.19 -8.53
C ASN A 310 -18.73 8.68 -8.23
N SER A 311 -18.56 7.38 -8.38
CA SER A 311 -17.23 6.75 -8.07
C SER A 311 -16.93 5.75 -9.17
N ILE A 312 -15.66 5.65 -9.55
CA ILE A 312 -15.20 4.58 -10.39
C ILE A 312 -15.20 3.23 -9.64
N ASP A 313 -15.22 2.15 -10.40
CA ASP A 313 -15.29 0.80 -9.87
C ASP A 313 -14.17 0.54 -8.80
N PHE A 314 -12.98 0.99 -9.13
CA PHE A 314 -11.81 0.67 -8.25
C PHE A 314 -11.98 1.25 -6.86
N SER A 315 -12.84 2.24 -6.68
CA SER A 315 -13.17 2.75 -5.32
C SER A 315 -13.71 1.74 -4.43
N TYR A 316 -14.55 0.85 -4.93
CA TYR A 316 -15.16 -0.21 -4.12
C TYR A 316 -14.17 -1.25 -3.61
N ALA A 317 -13.26 -1.69 -4.46
CA ALA A 317 -12.16 -2.52 -4.07
C ALA A 317 -11.24 -1.82 -3.00
N ARG A 318 -10.93 -0.56 -3.25
CA ARG A 318 -10.04 0.19 -2.38
CA ARG A 318 -10.03 0.17 -2.35
C ARG A 318 -10.67 0.30 -0.97
N ILE A 319 -11.98 0.64 -0.92
CA ILE A 319 -12.63 0.81 0.37
C ILE A 319 -12.67 -0.52 1.13
N LEU A 320 -12.98 -1.60 0.42
CA LEU A 320 -13.06 -2.89 1.03
C LEU A 320 -11.68 -3.25 1.65
N THR A 321 -10.62 -3.02 0.93
CA THR A 321 -9.32 -3.40 1.43
C THR A 321 -8.89 -2.47 2.60
N VAL A 322 -9.16 -1.18 2.52
CA VAL A 322 -8.63 -0.26 3.56
C VAL A 322 -9.46 -0.40 4.86
N VAL A 323 -10.79 -0.52 4.73
CA VAL A 323 -11.60 -0.80 5.94
C VAL A 323 -11.19 -2.10 6.57
N GLY A 324 -11.00 -3.13 5.76
CA GLY A 324 -10.51 -4.39 6.27
C GLY A 324 -9.18 -4.22 6.98
N HIS A 325 -8.26 -3.58 6.30
CA HIS A 325 -6.91 -3.38 6.86
C HIS A 325 -6.99 -2.73 8.24
N GLU A 326 -7.66 -1.60 8.36
CA GLU A 326 -7.68 -0.92 9.67
C GLU A 326 -8.39 -1.80 10.71
N TYR A 327 -9.40 -2.53 10.28
CA TYR A 327 -10.12 -3.41 11.21
C TYR A 327 -9.20 -4.51 11.77
N PHE A 328 -8.42 -5.14 10.88
CA PHE A 328 -7.54 -6.26 11.24
C PHE A 328 -6.42 -5.80 12.14
N HIS A 329 -6.03 -4.53 12.05
CA HIS A 329 -5.08 -3.99 13.01
C HIS A 329 -5.55 -4.06 14.47
N ASN A 330 -6.87 -4.25 14.71
CA ASN A 330 -7.36 -4.18 16.07
C ASN A 330 -6.72 -5.23 16.90
N TYR A 331 -6.39 -6.35 16.28
CA TYR A 331 -5.52 -7.36 16.92
C TYR A 331 -4.09 -7.23 16.48
N THR A 332 -3.82 -7.18 15.18
CA THR A 332 -2.43 -7.17 14.72
C THR A 332 -1.90 -5.74 14.60
N GLY A 333 -1.64 -5.18 15.76
CA GLY A 333 -1.10 -3.83 15.91
C GLY A 333 -1.60 -3.18 17.20
N ASN A 334 -2.88 -3.37 17.51
CA ASN A 334 -3.49 -2.71 18.67
C ASN A 334 -3.41 -3.63 19.89
N ARG A 335 -4.18 -4.70 19.93
CA ARG A 335 -4.11 -5.63 21.06
C ARG A 335 -2.75 -6.28 21.20
N VAL A 336 -2.04 -6.56 20.09
CA VAL A 336 -0.65 -6.91 20.15
C VAL A 336 0.03 -5.81 19.40
N THR A 337 0.88 -5.05 20.08
CA THR A 337 1.53 -3.89 19.45
C THR A 337 3.03 -4.09 19.22
N LEU A 338 3.76 -3.01 18.93
CA LEU A 338 5.23 -3.08 18.60
C LEU A 338 6.09 -2.73 19.77
N ARG A 339 7.20 -3.48 19.94
CA ARG A 339 8.19 -3.11 20.92
C ARG A 339 8.89 -1.80 20.52
N ASP A 340 9.14 -1.63 19.23
CA ASP A 340 9.82 -0.49 18.71
C ASP A 340 9.51 -0.39 17.22
N TRP A 341 9.90 0.70 16.58
CA TRP A 341 9.49 0.94 15.18
C TRP A 341 10.20 0.02 14.16
N PHE A 342 11.30 -0.63 14.57
CA PHE A 342 12.01 -1.48 13.68
C PHE A 342 11.14 -2.68 13.48
N GLN A 343 10.20 -2.92 14.38
CA GLN A 343 9.30 -4.03 14.20
C GLN A 343 8.05 -3.77 13.29
N LEU A 344 8.03 -2.65 12.61
CA LEU A 344 6.85 -2.15 11.88
C LEU A 344 6.19 -3.28 11.06
N THR A 345 7.02 -4.05 10.35
CA THR A 345 6.47 -5.11 9.48
C THR A 345 5.63 -6.12 10.25
N LEU A 346 5.90 -6.31 11.55
CA LEU A 346 5.12 -7.22 12.39
C LEU A 346 3.63 -6.89 12.41
N LYS A 347 3.36 -5.59 12.41
CA LYS A 347 1.99 -5.13 12.31
C LYS A 347 1.55 -4.88 10.88
N GLU A 348 2.35 -4.20 10.05
CA GLU A 348 1.92 -3.90 8.68
C GLU A 348 1.96 -5.04 7.74
N GLY A 349 3.05 -5.81 7.73
CA GLY A 349 3.17 -6.97 6.84
C GLY A 349 2.08 -7.98 7.20
N LEU A 350 1.90 -8.18 8.48
CA LEU A 350 0.87 -9.15 8.94
C LEU A 350 -0.59 -8.68 8.66
N THR A 351 -0.85 -7.40 8.84
CA THR A 351 -2.15 -6.84 8.56
C THR A 351 -2.47 -6.78 7.07
N VAL A 352 -1.45 -6.48 6.26
CA VAL A 352 -1.62 -6.59 4.77
C VAL A 352 -1.97 -8.05 4.34
N HIS A 353 -1.31 -9.01 4.95
CA HIS A 353 -1.61 -10.40 4.68
C HIS A 353 -3.04 -10.77 5.05
N ARG A 354 -3.44 -10.35 6.25
CA ARG A 354 -4.83 -10.53 6.72
C ARG A 354 -5.83 -9.87 5.73
N GLU A 355 -5.56 -8.63 5.36
CA GLU A 355 -6.39 -7.82 4.43
C GLU A 355 -6.46 -8.57 3.07
N ASN A 356 -5.32 -9.12 2.62
CA ASN A 356 -5.28 -9.80 1.32
C ASN A 356 -6.09 -11.10 1.36
N LEU A 357 -5.95 -11.89 2.41
CA LEU A 357 -6.81 -13.07 2.61
C LEU A 357 -8.32 -12.70 2.59
N PHE A 358 -8.62 -11.59 3.29
CA PHE A 358 -9.99 -11.09 3.34
C PHE A 358 -10.52 -10.68 1.94
N SER A 359 -9.71 -9.95 1.22
CA SER A 359 -10.09 -9.41 -0.09
CA SER A 359 -10.15 -9.43 -0.08
C SER A 359 -10.30 -10.57 -1.07
N GLU A 360 -9.40 -11.55 -1.03
CA GLU A 360 -9.53 -12.72 -1.91
C GLU A 360 -10.83 -13.47 -1.64
N GLU A 361 -11.16 -13.62 -0.36
CA GLU A 361 -12.40 -14.30 0.06
C GLU A 361 -13.66 -13.53 -0.32
N MET A 362 -13.61 -12.20 -0.22
CA MET A 362 -14.81 -11.40 -0.51
C MET A 362 -15.01 -11.24 -1.99
N THR A 363 -13.93 -11.11 -2.76
CA THR A 363 -14.12 -10.83 -4.20
C THR A 363 -14.33 -12.10 -5.04
N LYS A 364 -13.73 -13.18 -4.63
CA LYS A 364 -13.82 -14.51 -5.26
C LYS A 364 -13.37 -14.48 -6.71
N THR A 365 -12.41 -13.62 -7.03
CA THR A 365 -11.91 -13.57 -8.38
C THR A 365 -10.40 -13.73 -8.35
N VAL A 366 -9.84 -14.37 -9.36
CA VAL A 366 -8.37 -14.61 -9.34
C VAL A 366 -7.60 -13.35 -9.53
N THR A 367 -8.23 -12.32 -10.10
CA THR A 367 -7.52 -11.08 -10.33
C THR A 367 -7.08 -10.38 -9.06
N THR A 368 -7.73 -10.67 -7.94
CA THR A 368 -7.33 -10.10 -6.67
C THR A 368 -5.90 -10.45 -6.27
N ARG A 369 -5.62 -11.75 -6.21
CA ARG A 369 -4.23 -12.22 -5.92
C ARG A 369 -3.27 -11.70 -6.99
N LEU A 370 -3.69 -11.72 -8.26
CA LEU A 370 -2.80 -11.24 -9.29
C LEU A 370 -2.45 -9.76 -9.15
N SER A 371 -3.45 -8.95 -8.73
CA SER A 371 -3.18 -7.50 -8.60
C SER A 371 -2.10 -7.29 -7.50
N HIS A 372 -2.14 -8.12 -6.45
CA HIS A 372 -1.15 -7.98 -5.31
C HIS A 372 0.27 -8.33 -5.81
N VAL A 373 0.35 -9.36 -6.61
CA VAL A 373 1.59 -9.83 -7.23
C VAL A 373 2.15 -8.77 -8.18
N ASP A 374 1.28 -8.24 -9.01
CA ASP A 374 1.65 -7.19 -9.90
C ASP A 374 2.27 -5.99 -9.21
N LEU A 375 1.63 -5.58 -8.13
CA LEU A 375 2.17 -4.46 -7.31
C LEU A 375 3.54 -4.78 -6.73
N LEU A 376 3.70 -5.98 -6.14
CA LEU A 376 4.96 -6.35 -5.53
C LEU A 376 6.06 -6.34 -6.61
N ARG A 377 5.80 -7.01 -7.74
CA ARG A 377 6.87 -7.29 -8.72
C ARG A 377 7.24 -6.05 -9.53
N SER A 378 6.41 -5.07 -9.51
CA SER A 378 6.68 -3.80 -10.18
C SER A 378 7.32 -2.88 -9.09
N VAL A 379 6.50 -2.34 -8.18
CA VAL A 379 6.95 -1.36 -7.29
C VAL A 379 7.94 -1.86 -6.23
N GLN A 380 7.67 -3.01 -5.64
CA GLN A 380 8.51 -3.47 -4.52
C GLN A 380 9.83 -4.02 -5.02
N PHE A 381 9.81 -4.76 -6.13
CA PHE A 381 11.08 -5.26 -6.72
C PHE A 381 11.95 -4.09 -7.14
N LEU A 382 11.38 -3.04 -7.72
CA LEU A 382 12.19 -1.84 -8.09
C LEU A 382 12.85 -1.23 -6.86
N GLU A 383 12.08 -1.06 -5.79
CA GLU A 383 12.66 -0.56 -4.56
C GLU A 383 13.82 -1.45 -4.05
N ASP A 384 13.61 -2.76 -4.06
CA ASP A 384 14.63 -3.74 -3.63
C ASP A 384 15.88 -3.85 -4.48
N SER A 385 15.87 -3.29 -5.70
CA SER A 385 17.04 -3.28 -6.55
C SER A 385 17.64 -1.84 -6.59
N SER A 386 17.06 -0.95 -5.80
CA SER A 386 17.44 0.48 -5.81
C SER A 386 18.42 0.72 -4.66
N PRO A 387 18.99 1.94 -4.61
CA PRO A 387 19.80 2.30 -3.45
C PRO A 387 19.03 2.42 -2.14
N LEU A 388 17.69 2.47 -2.21
CA LEU A 388 16.81 2.45 -1.02
C LEU A 388 16.54 1.03 -0.46
N SER A 389 17.06 0.01 -1.10
CA SER A 389 16.82 -1.38 -0.68
C SER A 389 17.09 -1.56 0.81
N HIS A 390 16.12 -2.14 1.48
CA HIS A 390 16.23 -2.45 2.92
C HIS A 390 15.54 -3.79 3.20
N PRO A 391 15.91 -4.46 4.28
CA PRO A 391 15.16 -5.62 4.69
C PRO A 391 13.83 -5.23 5.29
N ILE A 392 12.90 -6.18 5.44
CA ILE A 392 11.61 -5.82 5.96
C ILE A 392 11.65 -5.39 7.42
N ARG A 393 12.71 -5.77 8.15
CA ARG A 393 13.00 -5.18 9.47
C ARG A 393 14.33 -4.37 9.35
N PRO A 394 14.23 -3.08 9.09
CA PRO A 394 15.45 -2.27 8.87
C PRO A 394 16.39 -2.27 10.08
N GLU A 395 17.67 -1.98 9.83
CA GLU A 395 18.66 -1.84 10.87
C GLU A 395 18.80 -0.41 11.39
N SER A 396 18.30 0.58 10.68
CA SER A 396 18.50 1.97 11.09
C SER A 396 17.59 2.94 10.42
N TYR A 397 17.40 4.11 11.04
CA TYR A 397 16.65 5.17 10.42
C TYR A 397 17.00 6.54 10.99
N VAL A 398 16.75 7.57 10.18
CA VAL A 398 16.71 8.95 10.68
C VAL A 398 15.29 9.31 10.93
N SER A 399 14.41 9.20 9.93
CA SER A 399 13.03 9.56 10.08
C SER A 399 12.25 8.22 9.87
N MET A 400 11.57 7.72 10.91
CA MET A 400 10.82 6.44 10.82
C MET A 400 9.76 6.48 9.73
N GLU A 401 9.26 7.64 9.43
CA GLU A 401 8.30 7.84 8.38
C GLU A 401 8.73 7.31 6.99
N ASN A 402 10.03 7.32 6.72
CA ASN A 402 10.58 6.83 5.45
C ASN A 402 10.58 5.34 5.39
N PHE A 403 10.27 4.66 6.49
CA PHE A 403 10.21 3.20 6.46
C PHE A 403 8.77 2.64 6.30
N TYR A 404 7.82 3.48 5.97
CA TYR A 404 6.47 2.98 5.65
C TYR A 404 6.48 2.69 4.15
N THR A 405 7.09 1.61 3.78
CA THR A 405 7.43 1.29 2.35
C THR A 405 6.73 0.09 1.83
N THR A 406 6.72 -0.01 0.52
CA THR A 406 6.22 -1.24 -0.12
C THR A 406 7.01 -2.49 0.33
N THR A 407 8.30 -2.31 0.62
CA THR A 407 9.05 -3.41 1.22
C THR A 407 8.46 -3.88 2.53
N VAL A 408 8.29 -2.93 3.43
CA VAL A 408 7.76 -3.26 4.79
C VAL A 408 6.33 -3.82 4.74
N TYR A 409 5.52 -3.23 3.88
CA TYR A 409 4.15 -3.61 3.74
C TYR A 409 3.95 -4.86 2.88
N ASP A 410 4.37 -4.75 1.63
CA ASP A 410 4.01 -5.74 0.62
C ASP A 410 4.97 -6.92 0.61
N LYS A 411 6.30 -6.70 0.66
CA LYS A 411 7.21 -7.83 0.85
C LYS A 411 6.94 -8.44 2.25
N GLY A 412 6.74 -7.60 3.27
CA GLY A 412 6.35 -8.16 4.60
C GLY A 412 5.14 -9.03 4.53
N SER A 413 4.14 -8.60 3.78
CA SER A 413 2.92 -9.46 3.62
CA SER A 413 2.93 -9.43 3.60
C SER A 413 3.21 -10.81 2.99
N GLU A 414 4.13 -10.85 2.03
CA GLU A 414 4.46 -12.10 1.36
C GLU A 414 5.27 -13.00 2.29
N VAL A 415 6.10 -12.42 3.14
CA VAL A 415 6.81 -13.17 4.17
C VAL A 415 5.80 -13.72 5.17
N MET A 416 4.78 -12.92 5.52
CA MET A 416 3.73 -13.39 6.44
C MET A 416 2.88 -14.50 5.75
N ARG A 417 2.65 -14.36 4.47
CA ARG A 417 1.90 -15.37 3.73
C ARG A 417 2.66 -16.68 3.55
N MET A 418 3.98 -16.65 3.46
CA MET A 418 4.73 -17.87 3.28
C MET A 418 4.59 -18.83 4.48
N TYR A 419 4.38 -18.27 5.68
CA TYR A 419 4.12 -19.16 6.83
C TYR A 419 2.83 -20.01 6.58
N LEU A 420 1.78 -19.40 6.01
CA LEU A 420 0.56 -20.11 5.67
C LEU A 420 0.84 -21.17 4.65
N THR A 421 1.66 -20.84 3.67
CA THR A 421 1.99 -21.79 2.59
C THR A 421 2.73 -22.99 3.17
N ILE A 422 3.70 -22.71 4.04
CA ILE A 422 4.55 -23.75 4.64
C ILE A 422 3.71 -24.66 5.61
N LEU A 423 2.83 -24.06 6.41
CA LEU A 423 2.08 -24.76 7.48
C LEU A 423 0.80 -25.43 7.04
N GLY A 424 0.15 -24.84 6.04
CA GLY A 424 -1.26 -25.12 5.68
C GLY A 424 -2.23 -24.42 6.62
N GLU A 425 -3.52 -24.44 6.28
CA GLU A 425 -4.51 -23.62 6.98
C GLU A 425 -4.61 -24.00 8.48
N GLU A 426 -4.69 -25.30 8.81
CA GLU A 426 -4.93 -25.70 10.19
C GLU A 426 -3.80 -25.31 11.13
N TYR A 427 -2.57 -25.64 10.74
CA TYR A 427 -1.41 -25.33 11.54
C TYR A 427 -1.04 -23.84 11.53
N TYR A 428 -1.34 -23.19 10.43
CA TYR A 428 -1.17 -21.69 10.37
C TYR A 428 -2.07 -21.06 11.44
N LYS A 429 -3.33 -21.45 11.47
CA LYS A 429 -4.28 -20.89 12.43
C LYS A 429 -3.82 -21.18 13.85
N LYS A 430 -3.31 -22.38 14.07
CA LYS A 430 -2.72 -22.70 15.42
C LYS A 430 -1.58 -21.78 15.84
N GLY A 431 -0.63 -21.56 14.93
CA GLY A 431 0.50 -20.70 15.25
C GLY A 431 0.10 -19.24 15.53
N PHE A 432 -0.76 -18.74 14.65
CA PHE A 432 -1.30 -17.37 14.75
C PHE A 432 -1.97 -17.21 16.13
N ASP A 433 -2.80 -18.19 16.50
CA ASP A 433 -3.45 -18.15 17.83
C ASP A 433 -2.47 -18.15 19.03
N ILE A 434 -1.42 -18.97 18.96
CA ILE A 434 -0.32 -18.91 19.93
C ILE A 434 0.26 -17.52 20.04
N TYR A 435 0.50 -16.86 18.89
CA TYR A 435 1.06 -15.54 18.88
C TYR A 435 0.12 -14.53 19.52
N ILE A 436 -1.15 -14.55 19.09
CA ILE A 436 -2.03 -13.45 19.44
C ILE A 436 -2.37 -13.55 20.95
N LYS A 437 -2.40 -14.77 21.46
CA LYS A 437 -2.79 -14.99 22.86
C LYS A 437 -1.66 -14.68 23.81
N LYS A 438 -0.46 -15.16 23.48
CA LYS A 438 0.68 -15.04 24.35
C LYS A 438 1.01 -13.58 24.53
N ASN A 439 0.82 -12.76 23.50
CA ASN A 439 1.32 -11.37 23.48
C ASN A 439 0.22 -10.37 23.62
N ASP A 440 -1.01 -10.84 23.84
CA ASP A 440 -2.15 -9.91 24.07
C ASP A 440 -1.95 -8.87 25.15
N GLY A 441 -2.27 -7.62 24.83
CA GLY A 441 -2.11 -6.52 25.76
C GLY A 441 -0.70 -6.08 25.96
N ASN A 442 0.21 -6.51 25.04
CA ASN A 442 1.59 -6.24 25.18
C ASN A 442 2.26 -5.89 23.83
N THR A 443 3.54 -5.53 23.92
CA THR A 443 4.39 -5.34 22.75
C THR A 443 4.91 -6.68 22.28
N ALA A 444 5.37 -6.73 21.01
CA ALA A 444 5.99 -7.92 20.47
C ALA A 444 7.00 -7.54 19.44
N THR A 445 7.80 -8.54 19.08
CA THR A 445 8.84 -8.41 18.07
C THR A 445 8.65 -9.43 16.98
N CYS A 446 9.37 -9.22 15.89
CA CYS A 446 9.31 -10.23 14.81
C CYS A 446 9.66 -11.64 15.27
N GLU A 447 10.62 -11.74 16.20
CA GLU A 447 11.01 -13.05 16.80
C GLU A 447 9.87 -13.71 17.45
N ASP A 448 9.02 -12.98 18.22
CA ASP A 448 7.86 -13.59 18.88
C ASP A 448 6.96 -14.24 17.85
N PHE A 449 6.81 -13.56 16.71
CA PHE A 449 5.90 -14.18 15.69
C PHE A 449 6.52 -15.46 15.14
N ASN A 450 7.81 -15.39 14.84
CA ASN A 450 8.54 -16.56 14.25
C ASN A 450 8.56 -17.76 15.21
N TYR A 451 8.64 -17.42 16.50
CA TYR A 451 8.58 -18.44 17.58
C TYR A 451 7.24 -19.12 17.60
N ALA A 452 6.13 -18.36 17.44
CA ALA A 452 4.82 -18.98 17.44
C ALA A 452 4.59 -19.86 16.25
N MET A 453 5.05 -19.37 15.10
CA MET A 453 5.03 -20.19 13.85
C MET A 453 5.89 -21.45 13.99
N GLU A 454 7.03 -21.32 14.66
CA GLU A 454 7.92 -22.49 14.88
C GLU A 454 7.23 -23.55 15.74
N GLN A 455 6.45 -23.12 16.73
CA GLN A 455 5.70 -24.12 17.52
C GLN A 455 4.74 -24.91 16.67
N ALA A 456 4.04 -24.22 15.78
CA ALA A 456 3.13 -24.87 14.83
C ALA A 456 3.89 -25.79 13.85
N TYR A 457 5.09 -25.36 13.49
CA TYR A 457 5.91 -26.12 12.56
C TYR A 457 6.38 -27.46 13.16
N LYS A 458 6.83 -27.38 14.40
CA LYS A 458 7.14 -28.60 15.17
C LYS A 458 5.93 -29.56 15.27
N MET A 459 4.72 -29.07 15.52
CA MET A 459 3.53 -29.94 15.58
C MET A 459 3.22 -30.54 14.19
N LYS A 460 3.38 -29.75 13.13
CA LYS A 460 3.05 -30.19 11.79
C LYS A 460 4.01 -31.30 11.40
N LYS A 461 5.30 -31.10 11.65
CA LYS A 461 6.31 -32.10 11.29
C LYS A 461 6.34 -33.31 12.27
N ALA A 462 5.61 -33.22 13.41
CA ALA A 462 5.66 -34.18 14.55
C ALA A 462 7.08 -34.38 15.07
N ASP A 463 7.79 -33.27 15.26
CA ASP A 463 9.21 -33.32 15.48
C ASP A 463 9.68 -32.08 16.25
N ASN A 464 9.92 -32.22 17.55
CA ASN A 464 10.38 -31.09 18.37
C ASN A 464 11.80 -30.63 18.11
N SER A 465 12.51 -31.24 17.17
CA SER A 465 13.83 -30.74 16.69
C SER A 465 13.73 -29.80 15.47
N ALA A 466 12.60 -29.83 14.75
CA ALA A 466 12.38 -28.91 13.62
C ALA A 466 12.45 -27.45 14.12
N ASN A 467 12.89 -26.54 13.25
CA ASN A 467 12.96 -25.15 13.63
C ASN A 467 12.91 -24.23 12.41
N LEU A 468 12.62 -22.96 12.70
CA LEU A 468 12.53 -21.93 11.70
C LEU A 468 13.57 -20.90 11.92
N ASN A 469 14.73 -21.33 12.43
CA ASN A 469 15.79 -20.35 12.59
C ASN A 469 16.21 -19.68 11.26
N GLN A 470 16.29 -20.46 10.20
CA GLN A 470 16.63 -19.94 8.92
C GLN A 470 15.64 -18.89 8.40
N TYR A 471 14.39 -19.06 8.79
CA TYR A 471 13.28 -18.19 8.36
C TYR A 471 13.55 -16.73 8.70
N LEU A 472 14.29 -16.46 9.79
CA LEU A 472 14.55 -15.14 10.23
C LEU A 472 15.29 -14.31 9.26
N LEU A 473 15.98 -14.95 8.32
CA LEU A 473 16.71 -14.20 7.29
C LEU A 473 15.73 -13.47 6.37
N TRP A 474 14.47 -13.98 6.22
CA TRP A 474 13.48 -13.15 5.50
C TRP A 474 13.25 -11.74 6.13
N PHE A 475 13.50 -11.59 7.44
CA PHE A 475 13.39 -10.30 8.15
C PHE A 475 14.63 -9.44 7.99
N SER A 476 15.79 -10.09 8.02
CA SER A 476 17.06 -9.38 8.09
C SER A 476 17.78 -9.16 6.75
N GLN A 477 17.53 -10.00 5.73
CA GLN A 477 18.22 -9.92 4.48
C GLN A 477 17.49 -9.16 3.40
N SER A 478 18.11 -8.11 2.84
CA SER A 478 17.47 -7.34 1.78
C SER A 478 17.68 -8.02 0.43
N GLY A 479 16.93 -7.50 -0.53
CA GLY A 479 17.00 -7.86 -1.89
C GLY A 479 16.08 -8.98 -2.24
N THR A 480 15.85 -9.11 -3.53
CA THR A 480 14.95 -10.17 -4.06
C THR A 480 15.75 -11.41 -4.48
N PRO A 481 15.43 -12.62 -3.93
CA PRO A 481 16.09 -13.84 -4.46
C PRO A 481 15.66 -14.10 -5.91
N HIS A 482 16.57 -14.69 -6.66
CA HIS A 482 16.39 -15.15 -8.02
C HIS A 482 16.36 -16.69 -7.91
N VAL A 483 15.29 -17.30 -8.36
CA VAL A 483 15.18 -18.73 -8.34
C VAL A 483 15.07 -19.29 -9.77
N SER A 484 16.00 -20.18 -10.13
CA SER A 484 16.18 -20.71 -11.49
C SER A 484 16.05 -22.23 -11.45
N PHE A 485 15.72 -22.78 -12.59
CA PHE A 485 15.33 -24.20 -12.67
C PHE A 485 16.00 -24.87 -13.90
N LYS A 486 16.27 -26.18 -13.72
CA LYS A 486 16.64 -27.06 -14.83
C LYS A 486 15.83 -28.33 -14.63
N TYR A 487 15.55 -29.00 -15.73
CA TYR A 487 14.61 -30.15 -15.68
C TYR A 487 15.24 -31.35 -16.38
N ASN A 488 14.92 -32.54 -15.93
CA ASN A 488 15.29 -33.74 -16.69
CA ASN A 488 15.34 -33.73 -16.58
C ASN A 488 14.28 -34.83 -16.47
N TYR A 489 14.01 -35.51 -17.57
CA TYR A 489 13.02 -36.61 -17.58
C TYR A 489 13.67 -37.95 -18.06
N ASP A 490 13.42 -39.05 -17.37
CA ASP A 490 13.89 -40.37 -17.77
C ASP A 490 12.64 -41.23 -18.09
N ALA A 491 12.40 -41.42 -19.39
CA ALA A 491 11.17 -42.08 -19.91
C ALA A 491 11.10 -43.54 -19.50
N GLU A 492 12.23 -44.21 -19.44
CA GLU A 492 12.27 -45.62 -19.00
C GLU A 492 11.94 -45.77 -17.51
N LYS A 493 12.45 -44.86 -16.67
CA LYS A 493 12.16 -44.92 -15.25
C LYS A 493 10.88 -44.21 -14.81
N LYS A 494 10.28 -43.45 -15.72
CA LYS A 494 9.11 -42.58 -15.37
C LYS A 494 9.45 -41.65 -14.21
N GLN A 495 10.62 -40.97 -14.34
CA GLN A 495 11.17 -40.24 -13.23
C GLN A 495 11.61 -38.85 -13.74
N TYR A 496 11.23 -37.84 -12.99
CA TYR A 496 11.39 -36.45 -13.38
C TYR A 496 12.09 -35.69 -12.25
N SER A 497 13.01 -34.81 -12.60
CA SER A 497 13.69 -34.06 -11.60
C SER A 497 13.64 -32.56 -11.92
N ILE A 498 13.55 -31.77 -10.86
CA ILE A 498 13.56 -30.32 -10.94
C ILE A 498 14.75 -29.91 -10.08
N HIS A 499 15.74 -29.33 -10.71
CA HIS A 499 16.91 -28.86 -10.04
C HIS A 499 16.72 -27.32 -9.87
N VAL A 500 16.92 -26.80 -8.65
CA VAL A 500 16.59 -25.43 -8.27
C VAL A 500 17.78 -24.78 -7.66
N ASN A 501 18.06 -23.53 -8.08
CA ASN A 501 19.07 -22.73 -7.52
C ASN A 501 18.45 -21.43 -7.01
N GLN A 502 18.93 -20.91 -5.87
CA GLN A 502 18.59 -19.54 -5.44
C GLN A 502 19.84 -18.67 -5.34
N TYR A 503 19.65 -17.41 -5.64
CA TYR A 503 20.74 -16.40 -5.58
C TYR A 503 20.12 -15.08 -5.16
N THR A 504 20.76 -14.34 -4.23
CA THR A 504 20.35 -13.02 -3.91
C THR A 504 21.62 -12.16 -4.18
N LYS A 505 21.48 -11.13 -4.98
CA LYS A 505 22.59 -10.21 -5.26
C LYS A 505 23.10 -9.52 -3.99
N PRO A 506 24.43 -9.55 -3.76
CA PRO A 506 24.98 -8.69 -2.74
C PRO A 506 24.60 -7.22 -2.87
N ASP A 507 24.52 -6.52 -1.73
CA ASP A 507 24.13 -5.13 -1.75
C ASP A 507 24.71 -4.42 -0.56
N GLU A 508 24.31 -3.18 -0.32
CA GLU A 508 24.86 -2.38 0.81
C GLU A 508 24.47 -2.88 2.18
N ASN A 509 23.49 -3.77 2.28
CA ASN A 509 23.08 -4.33 3.54
C ASN A 509 23.80 -5.62 3.94
N GLN A 510 24.10 -6.50 2.99
CA GLN A 510 24.91 -7.66 3.22
C GLN A 510 25.81 -7.85 2.03
N LYS A 511 27.12 -7.91 2.28
CA LYS A 511 28.05 -8.22 1.17
C LYS A 511 28.08 -9.68 0.81
N GLU A 512 27.63 -10.53 1.73
CA GLU A 512 27.47 -11.96 1.48
C GLU A 512 26.04 -12.37 1.81
N LYS A 513 25.33 -12.97 0.88
CA LYS A 513 23.92 -13.30 1.11
C LYS A 513 23.83 -14.76 1.45
N LYS A 514 22.83 -15.13 2.23
CA LYS A 514 22.61 -16.47 2.65
C LYS A 514 21.38 -17.05 1.99
N PRO A 515 21.37 -18.36 1.81
CA PRO A 515 20.12 -18.95 1.30
C PRO A 515 18.97 -18.86 2.25
N LEU A 516 17.77 -18.61 1.70
CA LEU A 516 16.53 -18.50 2.43
C LEU A 516 15.78 -19.82 2.44
N PHE A 517 14.80 -19.88 3.32
CA PHE A 517 13.77 -20.98 3.28
C PHE A 517 12.71 -20.54 2.29
N ILE A 518 12.74 -21.09 1.08
CA ILE A 518 11.80 -20.70 0.00
C ILE A 518 10.81 -21.87 -0.23
N PRO A 519 9.53 -21.64 0.02
CA PRO A 519 8.55 -22.66 -0.30
C PRO A 519 8.12 -22.54 -1.78
N ILE A 520 8.20 -23.64 -2.54
CA ILE A 520 7.88 -23.63 -3.96
C ILE A 520 6.67 -24.52 -4.25
N SER A 521 5.48 -23.91 -4.35
CA SER A 521 4.26 -24.63 -4.64
CA SER A 521 4.29 -24.63 -4.64
C SER A 521 4.33 -25.06 -6.13
N VAL A 522 4.16 -26.37 -6.37
CA VAL A 522 4.39 -26.90 -7.71
C VAL A 522 3.26 -27.84 -8.12
N GLY A 523 2.98 -27.82 -9.42
CA GLY A 523 2.25 -28.92 -10.08
C GLY A 523 2.99 -29.33 -11.34
N LEU A 524 2.48 -30.40 -11.95
CA LEU A 524 3.07 -30.92 -13.20
C LEU A 524 1.94 -31.20 -14.17
N ILE A 525 2.05 -30.58 -15.36
CA ILE A 525 1.03 -30.58 -16.39
C ILE A 525 1.49 -31.52 -17.50
N ASN A 526 0.59 -32.43 -17.86
CA ASN A 526 0.77 -33.23 -19.02
C ASN A 526 0.58 -32.41 -20.35
N PRO A 527 1.64 -32.28 -21.18
CA PRO A 527 1.58 -31.40 -22.39
C PRO A 527 0.67 -32.01 -23.44
N GLU A 528 0.44 -33.31 -23.32
CA GLU A 528 -0.36 -34.02 -24.30
C GLU A 528 -1.85 -33.76 -24.20
N ASN A 529 -2.34 -33.65 -22.97
CA ASN A 529 -3.74 -33.46 -22.67
C ASN A 529 -4.05 -32.27 -21.77
N GLY A 530 -3.01 -31.51 -21.36
CA GLY A 530 -3.20 -30.41 -20.44
C GLY A 530 -3.71 -30.68 -19.03
N LYS A 531 -3.65 -31.92 -18.53
CA LYS A 531 -4.17 -32.26 -17.18
C LYS A 531 -3.08 -32.36 -16.10
N GLU A 532 -3.47 -32.25 -14.84
CA GLU A 532 -2.58 -32.36 -13.65
C GLU A 532 -2.00 -33.75 -13.52
N MET A 533 -0.73 -33.85 -13.16
CA MET A 533 -0.05 -35.16 -13.02
C MET A 533 0.28 -35.54 -11.58
N ILE A 534 0.39 -34.56 -10.68
CA ILE A 534 0.61 -34.81 -9.26
C ILE A 534 -0.38 -34.03 -8.38
N SER A 535 -0.52 -34.47 -7.13
CA SER A 535 -1.20 -33.68 -6.09
C SER A 535 -0.36 -32.46 -5.93
N GLN A 536 -0.95 -31.30 -5.77
CA GLN A 536 -0.07 -30.18 -5.57
C GLN A 536 0.79 -30.39 -4.29
N THR A 537 2.02 -29.89 -4.35
CA THR A 537 3.05 -30.18 -3.40
C THR A 537 3.78 -28.90 -3.16
N THR A 538 4.36 -28.78 -1.98
CA THR A 538 5.17 -27.59 -1.66
C THR A 538 6.60 -28.02 -1.37
N LEU A 539 7.49 -27.71 -2.30
CA LEU A 539 8.95 -28.02 -2.16
C LEU A 539 9.57 -27.05 -1.17
N GLU A 540 10.36 -27.55 -0.22
CA GLU A 540 10.96 -26.66 0.77
C GLU A 540 12.43 -26.58 0.43
N LEU A 541 12.80 -25.54 -0.30
CA LEU A 541 14.14 -25.26 -0.63
C LEU A 541 14.81 -24.55 0.54
N THR A 542 15.84 -25.17 1.11
CA THR A 542 16.55 -24.47 2.15
C THR A 542 18.01 -24.22 1.84
N LYS A 543 18.57 -24.91 0.88
CA LYS A 543 19.95 -24.73 0.49
C LYS A 543 20.09 -23.77 -0.70
N GLU A 544 21.33 -23.45 -1.06
CA GLU A 544 21.58 -22.66 -2.21
C GLU A 544 21.11 -23.39 -3.49
N SER A 545 21.12 -24.72 -3.48
CA SER A 545 20.49 -25.45 -4.59
C SER A 545 20.12 -26.86 -4.14
N ASP A 546 19.23 -27.49 -4.88
CA ASP A 546 18.68 -28.78 -4.48
C ASP A 546 18.00 -29.36 -5.67
N THR A 547 17.90 -30.69 -5.73
CA THR A 547 17.19 -31.35 -6.79
C THR A 547 16.08 -32.16 -6.18
N PHE A 548 14.86 -31.97 -6.67
CA PHE A 548 13.68 -32.61 -6.20
C PHE A 548 13.24 -33.60 -7.24
N VAL A 549 13.03 -34.87 -6.81
CA VAL A 549 12.82 -35.95 -7.82
C VAL A 549 11.42 -36.56 -7.57
N PHE A 550 10.74 -36.85 -8.67
CA PHE A 550 9.39 -37.34 -8.65
C PHE A 550 9.33 -38.65 -9.34
N ASN A 551 8.72 -39.65 -8.71
CA ASN A 551 8.49 -40.92 -9.43
C ASN A 551 7.08 -41.07 -10.04
N ASN A 552 6.91 -42.06 -10.88
CA ASN A 552 5.57 -42.40 -11.51
C ASN A 552 5.04 -41.22 -12.30
N ILE A 553 5.94 -40.60 -13.06
CA ILE A 553 5.61 -39.51 -13.93
C ILE A 553 5.61 -40.07 -15.33
N ALA A 554 4.41 -40.20 -15.91
CA ALA A 554 4.26 -41.11 -17.02
C ALA A 554 4.69 -40.55 -18.37
N VAL A 555 4.84 -39.24 -18.48
CA VAL A 555 5.36 -38.59 -19.69
C VAL A 555 6.06 -37.37 -19.22
N LYS A 556 6.85 -36.80 -20.10
CA LYS A 556 7.63 -35.62 -19.74
C LYS A 556 6.61 -34.44 -19.44
N PRO A 557 6.64 -33.83 -18.25
CA PRO A 557 5.71 -32.76 -17.89
C PRO A 557 6.17 -31.42 -18.27
N ILE A 558 5.25 -30.47 -18.14
CA ILE A 558 5.64 -29.08 -18.09
C ILE A 558 5.40 -28.68 -16.64
N PRO A 559 6.44 -28.16 -15.96
CA PRO A 559 6.29 -27.82 -14.55
C PRO A 559 5.48 -26.50 -14.35
N SER A 560 4.63 -26.46 -13.32
CA SER A 560 3.82 -25.34 -12.96
C SER A 560 4.39 -24.85 -11.61
N LEU A 561 5.24 -23.81 -11.71
CA LEU A 561 6.17 -23.42 -10.61
C LEU A 561 5.73 -22.17 -9.87
N PHE A 562 5.86 -22.23 -8.56
CA PHE A 562 5.51 -21.10 -7.69
C PHE A 562 4.04 -20.73 -7.81
N ARG A 563 3.19 -21.76 -7.76
CA ARG A 563 1.76 -21.56 -7.81
C ARG A 563 1.29 -20.62 -6.73
N GLY A 564 0.43 -19.70 -7.12
CA GLY A 564 -0.09 -18.70 -6.22
C GLY A 564 0.93 -17.57 -5.96
N PHE A 565 2.08 -17.63 -6.62
CA PHE A 565 3.32 -16.79 -6.32
C PHE A 565 3.72 -17.07 -4.88
N SER A 566 4.24 -18.29 -4.69
CA SER A 566 4.47 -18.83 -3.36
C SER A 566 5.67 -18.33 -2.64
N ALA A 567 6.48 -17.47 -3.24
CA ALA A 567 7.48 -16.75 -2.52
C ALA A 567 7.82 -15.48 -3.28
N PRO A 568 8.38 -14.50 -2.58
CA PRO A 568 8.57 -13.19 -3.24
C PRO A 568 9.95 -13.18 -3.96
N VAL A 569 9.99 -13.74 -5.18
CA VAL A 569 11.23 -14.01 -5.88
C VAL A 569 11.14 -13.68 -7.38
N TYR A 570 12.28 -13.45 -7.99
CA TYR A 570 12.38 -13.46 -9.47
C TYR A 570 12.41 -14.95 -9.87
N ILE A 571 11.56 -15.31 -10.80
CA ILE A 571 11.45 -16.69 -11.25
C ILE A 571 12.06 -16.78 -12.61
N GLU A 572 12.99 -17.68 -12.80
CA GLU A 572 13.55 -17.99 -14.13
C GLU A 572 13.09 -19.40 -14.45
N ASP A 573 12.01 -19.50 -15.21
CA ASP A 573 11.36 -20.84 -15.41
C ASP A 573 12.13 -21.74 -16.38
N ASN A 574 13.03 -21.17 -17.18
CA ASN A 574 13.79 -21.90 -18.20
C ASN A 574 12.89 -22.75 -19.12
N LEU A 575 11.70 -22.21 -19.43
CA LEU A 575 10.73 -22.88 -20.29
C LEU A 575 10.78 -22.24 -21.67
N THR A 576 10.50 -23.04 -22.70
CA THR A 576 10.29 -22.51 -24.05
C THR A 576 8.98 -21.72 -24.11
N ASP A 577 8.89 -20.86 -25.10
CA ASP A 577 7.63 -20.18 -25.31
C ASP A 577 6.51 -21.17 -25.63
N GLU A 578 6.84 -22.25 -26.32
CA GLU A 578 5.81 -23.32 -26.55
C GLU A 578 5.27 -23.93 -25.26
N GLU A 579 6.17 -24.21 -24.31
CA GLU A 579 5.78 -24.74 -23.01
C GLU A 579 4.98 -23.69 -22.24
N ARG A 580 5.42 -22.43 -22.29
CA ARG A 580 4.66 -21.35 -21.61
C ARG A 580 3.27 -21.18 -22.18
N ILE A 581 3.12 -21.33 -23.51
CA ILE A 581 1.81 -21.20 -24.12
C ILE A 581 0.91 -22.32 -23.59
N LEU A 582 1.45 -23.51 -23.46
CA LEU A 582 0.65 -24.64 -22.98
C LEU A 582 0.15 -24.44 -21.54
N LEU A 583 1.00 -23.86 -20.67
CA LEU A 583 0.57 -23.50 -19.33
C LEU A 583 -0.50 -22.42 -19.39
N LEU A 584 -0.21 -21.36 -20.16
CA LEU A 584 -1.20 -20.24 -20.29
C LEU A 584 -2.59 -20.79 -20.65
N LYS A 585 -2.61 -21.77 -21.56
CA LYS A 585 -3.91 -22.38 -21.97
C LYS A 585 -4.55 -23.32 -20.98
N TYR A 586 -3.76 -24.19 -20.34
CA TYR A 586 -4.27 -25.39 -19.71
C TYR A 586 -3.96 -25.53 -18.24
N ASP A 587 -3.04 -24.74 -17.68
CA ASP A 587 -2.68 -24.95 -16.28
C ASP A 587 -3.86 -24.51 -15.42
N SER A 588 -3.96 -25.00 -14.19
CA SER A 588 -5.07 -24.64 -13.33
C SER A 588 -4.76 -23.38 -12.52
N ASP A 589 -3.49 -23.11 -12.25
CA ASP A 589 -3.14 -21.96 -11.39
C ASP A 589 -3.10 -20.62 -12.13
N ALA A 590 -3.83 -19.63 -11.65
CA ALA A 590 -3.96 -18.40 -12.34
C ALA A 590 -2.63 -17.67 -12.37
N PHE A 591 -1.89 -17.69 -11.26
CA PHE A 591 -0.61 -16.97 -11.26
C PHE A 591 0.33 -17.61 -12.31
N VAL A 592 0.44 -18.93 -12.34
CA VAL A 592 1.37 -19.54 -13.30
C VAL A 592 0.98 -19.24 -14.73
N ARG A 593 -0.33 -19.22 -15.00
CA ARG A 593 -0.79 -18.85 -16.36
C ARG A 593 -0.36 -17.43 -16.74
N TYR A 594 -0.70 -16.55 -15.83
CA TYR A 594 -0.32 -15.16 -15.90
C TYR A 594 1.19 -15.00 -16.03
N ASN A 595 1.96 -15.71 -15.17
CA ASN A 595 3.41 -15.56 -15.22
C ASN A 595 4.03 -16.10 -16.51
N SER A 596 3.45 -17.19 -17.05
CA SER A 596 3.89 -17.76 -18.33
C SER A 596 3.69 -16.72 -19.42
N CYS A 597 2.53 -16.03 -19.38
CA CYS A 597 2.23 -14.98 -20.37
C CYS A 597 3.24 -13.82 -20.19
N THR A 598 3.49 -13.44 -18.93
CA THR A 598 4.44 -12.36 -18.56
C THR A 598 5.84 -12.66 -19.14
N ASN A 599 6.27 -13.91 -18.96
CA ASN A 599 7.58 -14.34 -19.43
C ASN A 599 7.72 -14.32 -20.95
N ILE A 600 6.62 -14.71 -21.65
CA ILE A 600 6.65 -14.62 -23.13
C ILE A 600 6.79 -13.13 -23.53
N TYR A 601 6.06 -12.24 -22.88
CA TYR A 601 6.14 -10.83 -23.21
C TYR A 601 7.56 -10.31 -22.87
N MET A 602 8.11 -10.68 -21.72
CA MET A 602 9.44 -10.16 -21.33
C MET A 602 10.50 -10.61 -22.31
N LYS A 603 10.46 -11.85 -22.80
CA LYS A 603 11.46 -12.31 -23.75
C LYS A 603 11.40 -11.47 -25.03
N GLN A 604 10.18 -11.19 -25.46
CA GLN A 604 9.93 -10.40 -26.68
C GLN A 604 10.37 -8.98 -26.43
N ILE A 605 9.98 -8.40 -25.27
CA ILE A 605 10.40 -7.00 -24.95
C ILE A 605 11.91 -6.84 -24.97
N LEU A 606 12.62 -7.72 -24.26
CA LEU A 606 14.08 -7.63 -24.20
C LEU A 606 14.76 -7.77 -25.61
N MET A 607 14.19 -8.65 -26.41
CA MET A 607 14.74 -8.91 -27.75
C MET A 607 14.53 -7.69 -28.63
N ASN A 608 13.32 -7.16 -28.67
CA ASN A 608 12.99 -6.01 -29.52
C ASN A 608 13.67 -4.79 -28.98
N TYR A 609 13.70 -4.65 -27.66
CA TYR A 609 14.43 -3.53 -27.06
C TYR A 609 15.90 -3.48 -27.56
N ASN A 610 16.58 -4.62 -27.47
CA ASN A 610 17.97 -4.71 -27.91
C ASN A 610 18.10 -4.40 -29.41
N GLU A 611 17.17 -4.90 -30.22
CA GLU A 611 17.12 -4.60 -31.68
C GLU A 611 17.00 -3.11 -31.94
N PHE A 612 16.07 -2.43 -31.30
CA PHE A 612 15.89 -1.00 -31.50
C PHE A 612 17.11 -0.26 -30.97
N LEU A 613 17.62 -0.72 -29.86
CA LEU A 613 18.75 0.01 -29.19
C LEU A 613 20.00 -0.05 -30.07
N LYS A 614 20.30 -1.25 -30.56
CA LYS A 614 21.45 -1.38 -31.47
C LYS A 614 21.32 -0.52 -32.72
N ALA A 615 20.13 -0.49 -33.30
CA ALA A 615 19.89 0.32 -34.49
C ALA A 615 20.03 1.81 -34.22
N LYS A 616 19.62 2.25 -33.03
CA LYS A 616 19.71 3.67 -32.66
C LYS A 616 21.19 4.03 -32.41
N ASN A 617 21.92 3.20 -31.67
CA ASN A 617 23.31 3.56 -31.31
C ASN A 617 24.22 3.46 -32.52
N GLU A 618 23.95 2.51 -33.41
CA GLU A 618 24.78 2.32 -34.61
C GLU A 618 24.34 3.20 -35.79
N LYS A 619 23.27 4.01 -35.64
CA LYS A 619 22.66 4.82 -36.72
C LYS A 619 22.39 3.97 -37.96
N LEU A 620 21.84 2.79 -37.77
CA LEU A 620 21.51 1.91 -38.89
C LEU A 620 20.42 2.54 -39.79
N GLU A 621 20.51 2.32 -41.10
CA GLU A 621 19.49 2.82 -42.03
C GLU A 621 18.37 1.77 -42.15
N SER A 622 18.64 0.51 -41.75
CA SER A 622 17.69 -0.61 -41.90
C SER A 622 18.10 -1.69 -40.89
N PHE A 623 17.13 -2.45 -40.39
CA PHE A 623 17.40 -3.49 -39.42
C PHE A 623 16.17 -4.35 -39.29
N ASN A 624 16.26 -5.44 -38.57
CA ASN A 624 15.12 -6.31 -38.33
C ASN A 624 14.60 -6.24 -36.89
N LEU A 625 13.30 -6.50 -36.73
CA LEU A 625 12.72 -6.79 -35.46
C LEU A 625 12.19 -8.23 -35.46
N THR A 626 12.38 -8.91 -34.32
CA THR A 626 11.80 -10.22 -34.09
C THR A 626 10.29 -10.07 -33.92
N PRO A 627 9.48 -10.75 -34.76
CA PRO A 627 8.01 -10.67 -34.57
C PRO A 627 7.54 -11.35 -33.31
N VAL A 628 6.36 -10.95 -32.90
CA VAL A 628 5.72 -11.62 -31.75
C VAL A 628 5.36 -13.03 -32.13
N ASN A 629 5.55 -13.97 -31.26
CA ASN A 629 5.27 -15.37 -31.53
C ASN A 629 3.80 -15.57 -31.94
N ALA A 630 3.57 -16.17 -33.13
CA ALA A 630 2.26 -16.27 -33.72
C ALA A 630 1.39 -17.27 -32.94
N GLN A 631 2.01 -18.28 -32.35
CA GLN A 631 1.30 -19.29 -31.54
C GLN A 631 0.81 -18.67 -30.20
N PHE A 632 1.56 -17.71 -29.65
CA PHE A 632 1.15 -16.91 -28.54
C PHE A 632 -0.08 -16.06 -28.87
N ILE A 633 -0.02 -15.37 -30.01
CA ILE A 633 -1.14 -14.55 -30.40
C ILE A 633 -2.42 -15.44 -30.56
N ASP A 634 -2.25 -16.62 -31.16
CA ASP A 634 -3.39 -17.60 -31.29
C ASP A 634 -3.92 -18.01 -29.93
N ALA A 635 -3.03 -18.23 -28.97
CA ALA A 635 -3.46 -18.54 -27.60
C ALA A 635 -4.26 -17.40 -26.93
N ILE A 636 -3.79 -16.16 -27.07
CA ILE A 636 -4.55 -15.02 -26.60
C ILE A 636 -5.98 -14.97 -27.20
N LYS A 637 -6.09 -15.20 -28.48
CA LYS A 637 -7.40 -15.22 -29.15
C LYS A 637 -8.27 -16.35 -28.60
N TYR A 638 -7.64 -17.51 -28.34
CA TYR A 638 -8.40 -18.73 -27.84
C TYR A 638 -8.98 -18.41 -26.46
N LEU A 639 -8.14 -17.85 -25.61
CA LEU A 639 -8.58 -17.40 -24.29
C LEU A 639 -9.66 -16.30 -24.34
N LEU A 640 -9.43 -15.24 -25.14
CA LEU A 640 -10.40 -14.16 -25.20
C LEU A 640 -11.79 -14.70 -25.66
N GLU A 641 -11.78 -15.67 -26.57
CA GLU A 641 -13.04 -16.13 -27.18
C GLU A 641 -13.77 -17.18 -26.36
N ASP A 642 -13.20 -17.56 -25.24
CA ASP A 642 -13.76 -18.61 -24.45
C ASP A 642 -14.72 -17.91 -23.47
N PRO A 643 -16.05 -18.10 -23.67
CA PRO A 643 -17.00 -17.34 -22.85
C PRO A 643 -16.98 -17.75 -21.38
N HIS A 644 -16.44 -18.93 -21.11
CA HIS A 644 -16.35 -19.44 -19.76
C HIS A 644 -15.04 -19.14 -19.10
N ALA A 645 -14.14 -18.42 -19.77
CA ALA A 645 -12.88 -17.96 -19.13
C ALA A 645 -13.07 -16.57 -18.45
N ASP A 646 -12.18 -16.24 -17.55
CA ASP A 646 -12.36 -15.14 -16.62
C ASP A 646 -12.05 -13.73 -17.18
N ALA A 647 -12.97 -12.80 -16.97
CA ALA A 647 -12.84 -11.51 -17.69
C ALA A 647 -11.70 -10.71 -17.15
N GLY A 648 -11.53 -10.73 -15.83
CA GLY A 648 -10.39 -10.04 -15.24
C GLY A 648 -9.03 -10.65 -15.69
N PHE A 649 -8.95 -11.96 -15.73
CA PHE A 649 -7.73 -12.61 -16.25
C PHE A 649 -7.44 -12.16 -17.71
N LYS A 650 -8.49 -12.06 -18.54
CA LYS A 650 -8.35 -11.68 -19.95
C LYS A 650 -7.72 -10.28 -20.01
N SER A 651 -8.04 -9.40 -19.06
CA SER A 651 -7.50 -8.00 -19.18
C SER A 651 -5.98 -7.98 -18.88
N TYR A 652 -5.49 -8.90 -18.06
CA TYR A 652 -4.09 -9.05 -17.82
C TYR A 652 -3.36 -9.62 -19.05
N ILE A 653 -3.97 -10.56 -19.78
CA ILE A 653 -3.21 -11.19 -20.91
C ILE A 653 -3.01 -10.28 -22.14
N VAL A 654 -3.89 -9.29 -22.33
CA VAL A 654 -3.83 -8.38 -23.48
C VAL A 654 -3.01 -7.15 -23.14
N SER A 655 -2.55 -7.06 -21.90
CA SER A 655 -1.74 -5.92 -21.42
C SER A 655 -0.29 -6.39 -21.30
N LEU A 656 0.64 -5.52 -21.70
CA LEU A 656 2.05 -5.83 -21.48
C LEU A 656 2.36 -5.67 -19.99
N PRO A 657 3.42 -6.32 -19.55
CA PRO A 657 3.86 -6.00 -18.21
C PRO A 657 4.10 -4.51 -17.98
N GLN A 658 3.83 -4.08 -16.74
CA GLN A 658 4.06 -2.70 -16.30
C GLN A 658 5.47 -2.26 -16.53
N ASP A 659 5.64 -0.97 -16.79
CA ASP A 659 6.96 -0.47 -17.05
C ASP A 659 7.93 -0.69 -15.90
N ARG A 660 7.44 -0.50 -14.68
CA ARG A 660 8.31 -0.74 -13.49
C ARG A 660 8.72 -2.20 -13.30
N TYR A 661 7.91 -3.16 -13.77
CA TYR A 661 8.35 -4.55 -13.85
C TYR A 661 9.43 -4.70 -14.90
N ILE A 662 9.21 -4.14 -16.08
CA ILE A 662 10.17 -4.34 -17.19
C ILE A 662 11.59 -3.77 -16.84
N ILE A 663 11.57 -2.62 -16.19
CA ILE A 663 12.82 -1.92 -15.84
C ILE A 663 13.71 -2.72 -14.86
N ASN A 664 13.14 -3.66 -14.09
CA ASN A 664 13.95 -4.54 -13.26
C ASN A 664 14.86 -5.47 -14.08
N PHE A 665 14.62 -5.63 -15.40
CA PHE A 665 15.38 -6.49 -16.27
C PHE A 665 16.30 -5.76 -17.23
N VAL A 666 16.41 -4.44 -17.13
CA VAL A 666 17.22 -3.66 -18.08
C VAL A 666 18.12 -2.71 -17.31
N SER A 667 19.38 -2.71 -17.68
CA SER A 667 20.28 -1.67 -17.17
C SER A 667 20.51 -0.61 -18.24
N ASN A 668 20.73 0.60 -17.79
CA ASN A 668 20.97 1.72 -18.72
C ASN A 668 19.83 1.92 -19.70
N LEU A 669 18.65 1.90 -19.17
CA LEU A 669 17.43 1.90 -19.95
C LEU A 669 17.19 3.23 -20.66
N ASP A 670 17.14 3.13 -21.98
CA ASP A 670 16.62 4.19 -22.84
C ASP A 670 15.09 4.08 -22.89
N THR A 671 14.40 5.01 -22.22
CA THR A 671 13.02 4.97 -22.08
C THR A 671 12.28 5.14 -23.41
N ASP A 672 12.87 5.88 -24.35
CA ASP A 672 12.21 6.09 -25.60
CA ASP A 672 12.30 6.10 -25.69
C ASP A 672 12.24 4.84 -26.49
N VAL A 673 13.36 4.10 -26.41
CA VAL A 673 13.49 2.81 -27.05
C VAL A 673 12.50 1.81 -26.46
N LEU A 674 12.31 1.87 -25.14
CA LEU A 674 11.28 1.00 -24.56
C LEU A 674 9.88 1.39 -25.03
N ALA A 675 9.61 2.67 -25.05
CA ALA A 675 8.30 3.14 -25.55
C ALA A 675 8.06 2.65 -26.99
N ASP A 676 9.08 2.75 -27.83
CA ASP A 676 8.95 2.20 -29.20
C ASP A 676 8.74 0.67 -29.26
N THR A 677 9.44 -0.04 -28.39
CA THR A 677 9.29 -1.45 -28.21
C THR A 677 7.85 -1.85 -27.89
N LYS A 678 7.31 -1.24 -26.85
CA LYS A 678 5.97 -1.57 -26.44
C LYS A 678 5.01 -1.26 -27.58
N GLU A 679 5.19 -0.14 -28.27
CA GLU A 679 4.24 0.21 -29.39
C GLU A 679 4.30 -0.82 -30.52
N TYR A 680 5.48 -1.33 -30.80
CA TYR A 680 5.67 -2.35 -31.84
C TYR A 680 4.96 -3.65 -31.49
N ILE A 681 5.13 -4.05 -30.24
CA ILE A 681 4.50 -5.30 -29.73
C ILE A 681 2.99 -5.18 -29.76
N TYR A 682 2.46 -4.10 -29.20
CA TYR A 682 1.03 -3.89 -29.21
C TYR A 682 0.44 -3.88 -30.63
N LYS A 683 1.14 -3.23 -31.53
CA LYS A 683 0.69 -3.15 -32.91
C LYS A 683 0.72 -4.46 -33.61
N GLN A 684 1.75 -5.24 -33.37
CA GLN A 684 1.82 -6.62 -33.87
C GLN A 684 0.60 -7.45 -33.46
N ILE A 685 0.30 -7.43 -32.17
CA ILE A 685 -0.81 -8.23 -31.68
C ILE A 685 -2.15 -7.67 -32.22
N GLY A 686 -2.31 -6.33 -32.22
CA GLY A 686 -3.61 -5.71 -32.67
C GLY A 686 -3.88 -5.96 -34.16
N ASP A 687 -2.80 -6.00 -34.93
CA ASP A 687 -2.94 -6.34 -36.35
C ASP A 687 -3.51 -7.71 -36.58
N LYS A 688 -3.30 -8.63 -35.64
CA LYS A 688 -3.97 -9.92 -35.70
C LYS A 688 -5.29 -10.00 -34.95
N LEU A 689 -5.45 -9.27 -33.85
CA LEU A 689 -6.59 -9.44 -32.93
C LEU A 689 -7.64 -8.32 -32.85
N ASN A 690 -7.44 -7.18 -33.49
CA ASN A 690 -8.38 -6.10 -33.28
C ASN A 690 -9.85 -6.43 -33.60
N ASP A 691 -10.11 -7.25 -34.60
CA ASP A 691 -11.51 -7.64 -34.90
C ASP A 691 -12.10 -8.47 -33.75
N VAL A 692 -11.28 -9.32 -33.17
CA VAL A 692 -11.67 -10.09 -31.98
C VAL A 692 -11.92 -9.13 -30.85
N TYR A 693 -10.96 -8.23 -30.60
CA TYR A 693 -11.18 -7.20 -29.59
C TYR A 693 -12.49 -6.37 -29.73
N TYR A 694 -12.78 -5.90 -30.94
CA TYR A 694 -14.04 -5.23 -31.23
C TYR A 694 -15.26 -6.10 -30.94
N LYS A 695 -15.26 -7.30 -31.46
CA LYS A 695 -16.37 -8.23 -31.30
C LYS A 695 -16.62 -8.47 -29.81
N MET A 696 -15.56 -8.72 -29.06
CA MET A 696 -15.67 -8.87 -27.59
CA MET A 696 -15.70 -8.91 -27.61
C MET A 696 -16.15 -7.64 -26.88
N PHE A 697 -15.67 -6.45 -27.28
CA PHE A 697 -16.07 -5.24 -26.66
C PHE A 697 -17.59 -5.10 -26.76
N LYS A 698 -18.14 -5.38 -27.92
CA LYS A 698 -19.59 -5.31 -28.09
C LYS A 698 -20.33 -6.45 -27.38
N SER A 699 -19.84 -7.66 -27.47
CA SER A 699 -20.56 -8.81 -26.88
C SER A 699 -20.64 -8.62 -25.37
N LEU A 700 -19.61 -8.02 -24.76
CA LEU A 700 -19.54 -7.88 -23.27
C LEU A 700 -20.52 -6.85 -22.73
N GLU A 701 -21.05 -5.96 -23.61
CA GLU A 701 -21.79 -4.80 -23.14
C GLU A 701 -22.96 -5.13 -22.21
N ALA A 702 -23.78 -6.13 -22.59
CA ALA A 702 -25.04 -6.43 -21.89
C ALA A 702 -24.78 -6.80 -20.46
N LYS A 703 -23.87 -7.77 -20.25
CA LYS A 703 -23.56 -8.25 -18.89
C LYS A 703 -22.73 -7.25 -18.14
N ALA A 704 -21.84 -6.57 -18.84
CA ALA A 704 -20.94 -5.67 -18.13
C ALA A 704 -21.62 -4.48 -17.51
N ASP A 705 -22.51 -3.87 -18.27
CA ASP A 705 -23.08 -2.61 -17.84
C ASP A 705 -24.52 -2.84 -17.31
N ASP A 706 -24.94 -4.10 -17.16
CA ASP A 706 -26.21 -4.44 -16.45
C ASP A 706 -26.31 -3.67 -15.10
N LEU A 707 -27.49 -3.16 -14.82
CA LEU A 707 -27.70 -2.27 -13.65
C LEU A 707 -28.20 -2.97 -12.42
N THR A 708 -28.12 -4.29 -12.40
CA THR A 708 -28.41 -5.00 -11.21
C THR A 708 -27.49 -4.48 -10.08
N TYR A 709 -28.09 -4.16 -8.93
CA TYR A 709 -27.34 -3.67 -7.76
C TYR A 709 -26.89 -2.22 -7.91
N PHE A 710 -27.27 -1.50 -8.97
CA PHE A 710 -26.82 -0.07 -9.11
C PHE A 710 -27.32 0.86 -7.98
N ASN A 711 -28.43 0.48 -7.26
CA ASN A 711 -28.91 1.24 -6.16
C ASN A 711 -28.51 0.62 -4.84
N ASP A 712 -27.68 -0.44 -4.84
CA ASP A 712 -27.37 -1.16 -3.63
C ASP A 712 -25.91 -0.92 -3.27
N GLU A 713 -25.73 -0.11 -2.26
CA GLU A 713 -24.35 0.28 -1.83
C GLU A 713 -23.85 -0.77 -0.84
N SER A 714 -24.56 -1.91 -0.65
CA SER A 714 -24.07 -2.94 0.22
C SER A 714 -23.51 -4.12 -0.53
N HIS A 715 -23.54 -4.11 -1.87
CA HIS A 715 -23.14 -5.31 -2.64
C HIS A 715 -22.51 -4.89 -3.90
N VAL A 716 -21.40 -5.56 -4.27
CA VAL A 716 -20.72 -5.33 -5.49
C VAL A 716 -20.48 -6.67 -6.16
N ASP A 717 -20.79 -6.73 -7.46
CA ASP A 717 -20.46 -7.94 -8.23
C ASP A 717 -19.06 -7.67 -8.85
N PHE A 718 -18.04 -8.29 -8.24
CA PHE A 718 -16.64 -8.12 -8.72
C PHE A 718 -16.32 -8.71 -10.11
N ASP A 719 -17.06 -9.76 -10.49
CA ASP A 719 -16.90 -10.34 -11.81
C ASP A 719 -17.43 -9.39 -12.86
N GLN A 720 -18.57 -8.76 -12.58
CA GLN A 720 -19.08 -7.73 -13.44
C GLN A 720 -18.16 -6.51 -13.54
N MET A 721 -17.61 -6.05 -12.42
CA MET A 721 -16.59 -5.07 -12.50
C MET A 721 -15.39 -5.45 -13.42
N ASN A 722 -14.91 -6.67 -13.29
CA ASN A 722 -13.83 -7.18 -14.17
C ASN A 722 -14.27 -7.20 -15.64
N MET A 723 -15.55 -7.49 -15.92
CA MET A 723 -16.01 -7.31 -17.28
C MET A 723 -15.89 -5.87 -17.81
N ARG A 724 -16.21 -4.87 -16.98
CA ARG A 724 -16.03 -3.47 -17.36
C ARG A 724 -14.55 -3.15 -17.58
N THR A 725 -13.70 -3.73 -16.72
CA THR A 725 -12.27 -3.50 -16.83
C THR A 725 -11.80 -4.02 -18.16
N LEU A 726 -12.24 -5.21 -18.53
CA LEU A 726 -11.88 -5.77 -19.82
C LEU A 726 -12.40 -4.93 -20.96
N ARG A 727 -13.65 -4.45 -20.90
CA ARG A 727 -14.16 -3.62 -21.99
C ARG A 727 -13.38 -2.34 -22.16
N ASN A 728 -12.99 -1.75 -21.06
CA ASN A 728 -12.26 -0.50 -21.13
C ASN A 728 -10.78 -0.70 -21.55
N THR A 729 -10.24 -1.87 -21.26
CA THR A 729 -8.90 -2.23 -21.71
C THR A 729 -8.91 -2.42 -23.26
N LEU A 730 -9.88 -3.18 -23.74
CA LEU A 730 -10.09 -3.39 -25.18
C LEU A 730 -10.33 -2.06 -25.90
N LEU A 731 -11.10 -1.17 -25.28
CA LEU A 731 -11.43 0.08 -25.91
C LEU A 731 -10.20 0.94 -26.05
N SER A 732 -9.32 0.88 -25.06
CA SER A 732 -8.04 1.57 -25.15
C SER A 732 -7.15 1.02 -26.27
N LEU A 733 -7.09 -0.31 -26.39
CA LEU A 733 -6.34 -0.95 -27.44
C LEU A 733 -6.83 -0.52 -28.84
N LEU A 734 -8.16 -0.49 -29.00
CA LEU A 734 -8.79 -0.20 -30.29
C LEU A 734 -8.71 1.26 -30.63
N SER A 735 -8.72 2.15 -29.62
CA SER A 735 -8.59 3.55 -29.80
C SER A 735 -7.18 3.98 -30.25
N LYS A 736 -6.16 3.50 -29.55
CA LYS A 736 -4.79 3.70 -29.96
C LYS A 736 -4.54 3.14 -31.39
N ALA A 737 -5.17 2.05 -31.72
CA ALA A 737 -5.06 1.45 -33.09
C ALA A 737 -5.81 2.25 -34.18
N GLN A 738 -6.60 3.24 -33.81
CA GLN A 738 -7.56 3.86 -34.74
C GLN A 738 -8.41 2.87 -35.51
N TYR A 739 -8.92 1.89 -34.80
CA TYR A 739 -9.85 0.96 -35.41
C TYR A 739 -11.05 1.69 -36.07
N PRO A 740 -11.54 1.16 -37.22
CA PRO A 740 -12.47 1.98 -38.00
C PRO A 740 -13.72 2.26 -37.22
N ASN A 741 -14.09 3.53 -37.20
CA ASN A 741 -15.34 4.01 -36.61
C ASN A 741 -15.38 3.87 -35.09
N ILE A 742 -14.22 3.71 -34.44
CA ILE A 742 -14.21 3.46 -33.00
C ILE A 742 -14.63 4.75 -32.26
N LEU A 743 -14.37 5.93 -32.85
CA LEU A 743 -14.91 7.16 -32.24
C LEU A 743 -16.43 7.09 -31.89
N ASN A 744 -17.25 6.54 -32.76
CA ASN A 744 -18.64 6.31 -32.40
C ASN A 744 -18.85 5.55 -31.09
N GLU A 745 -18.08 4.47 -30.93
CA GLU A 745 -18.16 3.66 -29.72
C GLU A 745 -17.75 4.48 -28.48
N ILE A 746 -16.74 5.30 -28.62
CA ILE A 746 -16.24 6.16 -27.55
C ILE A 746 -17.29 7.17 -27.12
N ILE A 747 -17.94 7.81 -28.09
CA ILE A 747 -19.04 8.74 -27.77
C ILE A 747 -20.20 8.05 -27.04
N GLU A 748 -20.62 6.88 -27.51
CA GLU A 748 -21.66 6.12 -26.83
C GLU A 748 -21.26 5.71 -25.40
N HIS A 749 -19.99 5.34 -25.26
CA HIS A 749 -19.44 4.94 -23.94
C HIS A 749 -19.47 6.08 -22.94
N SER A 750 -19.21 7.30 -23.39
CA SER A 750 -19.31 8.46 -22.53
C SER A 750 -20.71 8.80 -21.94
N LYS A 751 -21.79 8.14 -22.41
CA LYS A 751 -23.16 8.33 -21.91
C LYS A 751 -23.51 7.20 -20.95
N SER A 752 -22.56 6.32 -20.61
CA SER A 752 -22.81 5.26 -19.66
C SER A 752 -23.02 5.82 -18.26
N PRO A 753 -23.95 5.24 -17.47
CA PRO A 753 -24.11 5.68 -16.09
C PRO A 753 -22.93 5.28 -15.18
N TYR A 754 -22.07 4.36 -15.61
CA TYR A 754 -20.84 4.03 -14.83
C TYR A 754 -19.70 5.03 -15.04
N PRO A 755 -19.26 5.73 -13.97
CA PRO A 755 -18.08 6.62 -14.15
C PRO A 755 -16.82 5.91 -14.68
N SER A 756 -16.64 4.64 -14.39
CA SER A 756 -15.52 3.88 -14.95
C SER A 756 -15.55 3.94 -16.46
N ASN A 757 -16.76 3.84 -17.05
CA ASN A 757 -16.91 3.94 -18.48
C ASN A 757 -16.75 5.32 -18.99
N TRP A 758 -17.44 6.28 -18.42
CA TRP A 758 -17.36 7.64 -18.98
C TRP A 758 -16.04 8.39 -18.74
N LEU A 759 -15.31 8.10 -17.66
CA LEU A 759 -13.94 8.56 -17.59
C LEU A 759 -12.99 7.80 -18.54
N THR A 760 -13.20 6.50 -18.78
CA THR A 760 -12.39 5.80 -19.81
C THR A 760 -12.59 6.50 -21.17
N SER A 761 -13.83 6.93 -21.45
CA SER A 761 -14.11 7.57 -22.74
C SER A 761 -13.22 8.77 -22.88
N LEU A 762 -12.99 9.49 -21.79
CA LEU A 762 -12.06 10.62 -21.84
C LEU A 762 -10.64 10.23 -22.20
N SER A 763 -10.03 9.29 -21.46
CA SER A 763 -8.61 9.01 -21.78
C SER A 763 -8.45 8.36 -23.16
N VAL A 764 -9.37 7.48 -23.60
CA VAL A 764 -9.22 6.84 -24.93
C VAL A 764 -9.48 7.83 -26.07
N SER A 765 -10.22 8.90 -25.79
CA SER A 765 -10.47 9.95 -26.79
C SER A 765 -9.21 10.77 -27.03
N ALA A 766 -8.15 10.55 -26.23
CA ALA A 766 -6.89 11.28 -26.44
C ALA A 766 -6.31 11.19 -27.85
N TYR A 767 -6.61 10.11 -28.56
CA TYR A 767 -6.08 9.88 -29.93
C TYR A 767 -6.91 10.58 -31.01
N PHE A 768 -7.95 11.35 -30.61
CA PHE A 768 -8.90 12.00 -31.54
C PHE A 768 -9.09 13.51 -31.23
N ASP A 769 -9.65 14.22 -32.22
CA ASP A 769 -10.01 15.64 -32.08
C ASP A 769 -11.09 15.90 -31.02
N LYS A 770 -11.87 14.89 -30.72
CA LYS A 770 -12.96 14.95 -29.74
C LYS A 770 -12.45 15.09 -28.28
N TYR A 771 -11.15 14.91 -28.07
CA TYR A 771 -10.57 14.98 -26.71
C TYR A 771 -11.08 16.18 -25.92
N PHE A 772 -10.92 17.40 -26.44
CA PHE A 772 -11.33 18.57 -25.63
C PHE A 772 -12.84 18.71 -25.36
N GLU A 773 -13.67 18.25 -26.27
CA GLU A 773 -15.09 18.23 -25.98
C GLU A 773 -15.39 17.22 -24.86
N LEU A 774 -14.74 16.06 -24.90
CA LEU A 774 -14.98 15.07 -23.82
C LEU A 774 -14.36 15.50 -22.45
N TYR A 775 -13.26 16.22 -22.52
CA TYR A 775 -12.63 16.88 -21.38
C TYR A 775 -13.65 17.79 -20.71
N ASP A 776 -14.33 18.65 -21.48
CA ASP A 776 -15.38 19.52 -20.94
C ASP A 776 -16.62 18.79 -20.41
N LYS A 777 -17.14 17.86 -21.19
CA LYS A 777 -18.27 17.12 -20.74
C LYS A 777 -17.98 16.44 -19.36
N THR A 778 -16.86 15.75 -19.26
CA THR A 778 -16.58 14.94 -18.05
C THR A 778 -16.21 15.82 -16.86
N TYR A 779 -15.59 16.93 -17.16
CA TYR A 779 -15.32 17.93 -16.12
C TYR A 779 -16.62 18.33 -15.43
N LYS A 780 -17.62 18.64 -16.26
CA LYS A 780 -18.88 19.11 -15.79
C LYS A 780 -19.59 18.04 -14.96
N LEU A 781 -19.37 16.78 -15.32
CA LEU A 781 -19.98 15.64 -14.64
C LEU A 781 -19.21 15.38 -13.30
N SER A 782 -17.96 15.84 -13.21
CA SER A 782 -17.08 15.54 -12.08
C SER A 782 -16.94 16.67 -11.06
N LYS A 783 -17.19 17.91 -11.43
CA LYS A 783 -16.69 19.05 -10.67
C LYS A 783 -17.40 19.30 -9.33
N ASP A 784 -18.57 18.72 -9.11
CA ASP A 784 -19.33 18.95 -7.85
C ASP A 784 -19.18 17.83 -6.83
N ASP A 785 -18.28 16.90 -7.08
CA ASP A 785 -18.00 15.87 -6.08
C ASP A 785 -16.48 15.93 -5.92
N GLU A 786 -16.01 16.23 -4.70
CA GLU A 786 -14.57 16.38 -4.44
C GLU A 786 -13.75 15.19 -4.95
N LEU A 787 -14.24 13.95 -4.66
CA LEU A 787 -13.51 12.75 -4.99
C LEU A 787 -13.59 12.38 -6.49
N LEU A 788 -14.77 12.62 -7.10
CA LEU A 788 -14.89 12.44 -8.54
C LEU A 788 -14.03 13.39 -9.32
N LEU A 789 -13.90 14.62 -8.84
CA LEU A 789 -13.02 15.57 -9.49
C LEU A 789 -11.59 15.14 -9.43
N GLN A 790 -11.19 14.56 -8.31
CA GLN A 790 -9.87 14.02 -8.25
C GLN A 790 -9.67 12.87 -9.27
N GLU A 791 -10.63 11.99 -9.43
CA GLU A 791 -10.54 10.92 -10.43
C GLU A 791 -10.45 11.49 -11.86
N TRP A 792 -11.16 12.58 -12.08
CA TRP A 792 -11.07 13.31 -13.34
C TRP A 792 -9.69 13.89 -13.55
N LEU A 793 -9.09 14.45 -12.49
CA LEU A 793 -7.74 14.96 -12.57
C LEU A 793 -6.72 13.89 -12.94
N LYS A 794 -6.89 12.70 -12.34
CA LYS A 794 -5.99 11.60 -12.67
C LYS A 794 -6.16 11.17 -14.12
N THR A 795 -7.40 11.20 -14.60
CA THR A 795 -7.73 10.70 -15.94
C THR A 795 -7.09 11.60 -16.99
N VAL A 796 -7.16 12.88 -16.70
CA VAL A 796 -6.45 13.85 -17.55
C VAL A 796 -4.95 13.66 -17.46
N SER A 797 -4.43 13.56 -16.26
CA SER A 797 -2.99 13.49 -16.06
C SER A 797 -2.37 12.26 -16.78
N ARG A 798 -3.07 11.12 -16.81
CA ARG A 798 -2.53 9.92 -17.47
C ARG A 798 -2.86 9.86 -18.97
N SER A 799 -3.50 10.91 -19.51
CA SER A 799 -3.95 10.91 -20.91
C SER A 799 -2.77 10.92 -21.85
N ASP A 800 -2.86 10.08 -22.88
CA ASP A 800 -1.74 9.92 -23.84
C ASP A 800 -1.85 11.03 -24.89
N ARG A 801 -1.34 12.21 -24.51
CA ARG A 801 -1.55 13.45 -25.24
C ARG A 801 -0.17 14.00 -25.54
N LYS A 802 0.06 14.38 -26.80
CA LYS A 802 1.34 15.07 -27.11
C LYS A 802 1.49 16.42 -26.41
N ASP A 803 0.36 17.06 -26.12
CA ASP A 803 0.36 18.37 -25.42
C ASP A 803 0.16 18.23 -23.88
N ILE A 804 0.64 17.13 -23.29
CA ILE A 804 0.40 16.90 -21.85
C ILE A 804 1.04 17.96 -21.00
N TYR A 805 2.19 18.46 -21.39
CA TYR A 805 2.73 19.56 -20.58
C TYR A 805 1.85 20.82 -20.50
N GLU A 806 1.20 21.19 -21.61
CA GLU A 806 0.28 22.34 -21.63
C GLU A 806 -1.01 22.00 -20.89
N ILE A 807 -1.46 20.75 -20.98
CA ILE A 807 -2.63 20.32 -20.18
C ILE A 807 -2.34 20.42 -18.67
N LEU A 808 -1.16 20.00 -18.25
CA LEU A 808 -0.78 20.10 -16.82
C LEU A 808 -0.77 21.54 -16.35
N LYS A 809 -0.21 22.42 -17.16
CA LYS A 809 -0.17 23.84 -16.87
C LYS A 809 -1.61 24.36 -16.75
N LYS A 810 -2.53 23.91 -17.60
CA LYS A 810 -3.94 24.28 -17.48
C LYS A 810 -4.59 23.72 -16.18
N LEU A 811 -4.31 22.46 -15.83
CA LEU A 811 -4.80 21.91 -14.57
C LEU A 811 -4.30 22.73 -13.35
N GLU A 812 -3.06 23.14 -13.39
CA GLU A 812 -2.49 23.92 -12.33
C GLU A 812 -3.25 25.21 -12.16
N ASN A 813 -3.51 25.89 -13.28
CA ASN A 813 -4.07 27.25 -13.20
C ASN A 813 -5.53 27.26 -13.02
N GLU A 814 -6.24 26.31 -13.58
CA GLU A 814 -7.68 26.35 -13.59
C GLU A 814 -8.29 25.52 -12.47
N VAL A 815 -7.64 24.42 -12.02
CA VAL A 815 -8.24 23.53 -11.04
C VAL A 815 -7.47 23.33 -9.72
N LEU A 816 -6.18 22.98 -9.80
CA LEU A 816 -5.35 22.75 -8.59
C LEU A 816 -5.12 24.00 -7.80
N LYS A 817 -4.68 25.03 -8.50
CA LYS A 817 -4.32 26.30 -7.90
C LYS A 817 -3.33 26.14 -6.72
N ASP A 818 -3.59 26.76 -5.58
CA ASP A 818 -2.68 26.64 -4.44
C ASP A 818 -3.17 25.53 -3.46
N SER A 819 -4.03 24.58 -3.88
CA SER A 819 -4.49 23.49 -2.97
C SER A 819 -3.36 22.80 -2.23
N LYS A 820 -3.59 22.51 -0.94
CA LYS A 820 -2.66 21.78 -0.13
C LYS A 820 -3.23 20.38 0.18
N ASN A 821 -4.30 20.02 -0.51
CA ASN A 821 -4.93 18.74 -0.32
C ASN A 821 -4.01 17.74 -1.01
N PRO A 822 -3.43 16.79 -0.23
CA PRO A 822 -2.55 15.82 -0.90
C PRO A 822 -3.25 15.04 -2.02
N ASN A 823 -4.54 14.76 -1.90
CA ASN A 823 -5.23 14.03 -2.96
C ASN A 823 -5.26 14.81 -4.27
N ASP A 824 -5.39 16.12 -4.18
CA ASP A 824 -5.40 16.97 -5.40
C ASP A 824 -4.00 16.97 -6.02
N ILE A 825 -2.97 17.14 -5.18
CA ILE A 825 -1.58 17.26 -5.69
C ILE A 825 -1.16 15.94 -6.34
N ARG A 826 -1.48 14.83 -5.65
CA ARG A 826 -1.14 13.52 -6.17
C ARG A 826 -1.91 13.18 -7.46
N ALA A 827 -3.15 13.65 -7.53
CA ALA A 827 -4.01 13.40 -8.72
C ALA A 827 -3.45 14.05 -9.98
N VAL A 828 -2.92 15.25 -9.83
CA VAL A 828 -2.48 16.00 -10.97
C VAL A 828 -1.17 15.48 -11.54
N TYR A 829 -0.25 15.10 -10.68
CA TYR A 829 1.13 14.83 -11.05
C TYR A 829 1.52 13.35 -11.14
N LEU A 830 1.05 12.49 -10.24
CA LEU A 830 1.60 11.12 -10.24
C LEU A 830 1.23 10.31 -11.50
N PRO A 831 -0.02 10.38 -11.97
CA PRO A 831 -0.28 9.64 -13.21
C PRO A 831 0.63 10.05 -14.38
N PHE A 832 0.80 11.33 -14.57
CA PHE A 832 1.74 11.84 -15.56
C PHE A 832 3.11 11.21 -15.41
N THR A 833 3.60 10.99 -14.18
CA THR A 833 4.93 10.41 -14.08
C THR A 833 5.03 9.01 -14.63
N ASN A 834 3.89 8.29 -14.81
CA ASN A 834 3.93 7.01 -15.43
C ASN A 834 3.88 7.10 -16.93
N ASN A 835 3.87 8.30 -17.51
CA ASN A 835 3.86 8.47 -18.96
C ASN A 835 5.31 8.32 -19.43
N LEU A 836 5.61 7.09 -19.90
CA LEU A 836 7.00 6.73 -20.22
C LEU A 836 7.63 7.67 -21.24
N ARG A 837 6.91 7.99 -22.31
CA ARG A 837 7.48 8.83 -23.37
C ARG A 837 7.66 10.31 -22.93
N ARG A 838 6.65 10.85 -22.24
CA ARG A 838 6.64 12.28 -21.93
C ARG A 838 7.30 12.64 -20.61
N PHE A 839 7.08 11.88 -19.54
CA PHE A 839 7.76 12.23 -18.31
C PHE A 839 9.29 12.14 -18.43
N HIS A 840 9.76 11.15 -19.18
CA HIS A 840 11.15 10.92 -19.41
C HIS A 840 11.70 11.67 -20.66
N ASP A 841 11.05 12.76 -21.05
CA ASP A 841 11.52 13.60 -22.16
C ASP A 841 13.00 13.91 -21.99
N ILE A 842 13.79 13.65 -23.04
CA ILE A 842 15.24 13.79 -22.98
C ILE A 842 15.75 15.21 -22.58
N SER A 843 14.93 16.24 -22.70
CA SER A 843 15.26 17.56 -22.18
C SER A 843 15.40 17.62 -20.64
N GLY A 844 14.73 16.70 -19.93
CA GLY A 844 14.72 16.73 -18.50
C GLY A 844 13.57 17.56 -17.92
N LYS A 845 12.69 18.06 -18.78
CA LYS A 845 11.67 19.00 -18.34
C LYS A 845 10.61 18.33 -17.41
N GLY A 846 10.39 17.03 -17.60
CA GLY A 846 9.59 16.21 -16.68
C GLY A 846 10.17 16.15 -15.31
N TYR A 847 11.47 15.91 -15.28
CA TYR A 847 12.18 15.77 -14.05
C TYR A 847 12.18 17.10 -13.27
N LYS A 848 12.45 18.18 -14.01
CA LYS A 848 12.40 19.51 -13.44
C LYS A 848 11.04 19.85 -12.85
N LEU A 849 9.96 19.58 -13.58
CA LEU A 849 8.58 19.86 -13.14
C LEU A 849 8.26 19.15 -11.82
N ILE A 850 8.50 17.85 -11.80
CA ILE A 850 8.14 17.10 -10.58
C ILE A 850 9.08 17.52 -9.45
N ALA A 851 10.40 17.76 -9.70
CA ALA A 851 11.26 18.27 -8.61
C ALA A 851 10.76 19.61 -8.01
N GLU A 852 10.26 20.51 -8.86
CA GLU A 852 9.59 21.76 -8.38
C GLU A 852 8.40 21.50 -7.51
N VAL A 853 7.58 20.53 -7.88
CA VAL A 853 6.40 20.15 -7.11
C VAL A 853 6.83 19.56 -5.76
N ILE A 854 7.87 18.73 -5.77
CA ILE A 854 8.40 18.13 -4.52
C ILE A 854 8.94 19.21 -3.56
N THR A 855 9.71 20.12 -4.10
CA THR A 855 10.29 21.16 -3.26
C THR A 855 9.21 22.11 -2.69
N LYS A 856 8.25 22.45 -3.54
CA LYS A 856 7.08 23.24 -3.11
C LYS A 856 6.30 22.57 -2.00
N THR A 857 6.04 21.28 -2.18
CA THR A 857 5.22 20.51 -1.29
C THR A 857 5.97 20.30 0.04
N ASP A 858 7.29 20.18 0.01
CA ASP A 858 8.11 19.89 1.19
C ASP A 858 8.00 21.05 2.24
N LYS A 859 7.62 22.23 1.75
CA LYS A 859 7.57 23.38 2.68
C LYS A 859 6.40 23.32 3.61
N PHE A 860 5.40 22.53 3.27
CA PHE A 860 4.30 22.29 4.21
C PHE A 860 3.96 20.84 4.54
N ASN A 861 4.34 19.87 3.69
CA ASN A 861 3.95 18.45 3.93
C ASN A 861 5.08 17.53 3.48
N PRO A 862 6.10 17.35 4.38
CA PRO A 862 7.27 16.57 4.07
C PRO A 862 6.95 15.13 3.66
N MET A 863 5.90 14.53 4.19
CA MET A 863 5.57 13.15 3.87
C MET A 863 5.09 13.01 2.45
N VAL A 864 4.24 13.94 2.03
CA VAL A 864 3.70 13.93 0.65
C VAL A 864 4.82 14.30 -0.32
N ALA A 865 5.74 15.22 0.07
CA ALA A 865 6.88 15.52 -0.74
C ALA A 865 7.74 14.24 -1.03
N THR A 866 7.90 13.35 -0.04
CA THR A 866 8.67 12.15 -0.28
C THR A 866 7.90 11.17 -1.14
N GLN A 867 6.57 11.12 -0.98
CA GLN A 867 5.73 10.32 -1.91
C GLN A 867 5.92 10.74 -3.38
N LEU A 868 6.07 12.04 -3.60
CA LEU A 868 6.18 12.62 -4.93
C LEU A 868 7.55 12.33 -5.53
N CYS A 869 8.51 11.96 -4.71
CA CYS A 869 9.84 11.48 -5.18
C CYS A 869 9.86 10.14 -5.81
N GLU A 870 8.80 9.35 -5.65
CA GLU A 870 8.78 8.01 -6.19
C GLU A 870 9.33 7.79 -7.63
N PRO A 871 9.02 8.67 -8.61
CA PRO A 871 9.58 8.50 -9.96
C PRO A 871 11.09 8.50 -10.06
N PHE A 872 11.77 9.16 -9.11
CA PHE A 872 13.22 9.18 -9.07
C PHE A 872 13.87 7.89 -8.54
N LYS A 873 13.07 6.91 -8.05
CA LYS A 873 13.68 5.76 -7.43
C LYS A 873 14.46 4.91 -8.38
N LEU A 874 14.08 4.97 -9.65
CA LEU A 874 14.76 4.18 -10.65
C LEU A 874 15.88 4.91 -11.35
N TRP A 875 16.37 6.03 -10.80
CA TRP A 875 17.29 6.88 -11.60
C TRP A 875 18.51 6.15 -12.08
N ASN A 876 19.08 5.29 -11.23
CA ASN A 876 20.31 4.61 -11.56
C ASN A 876 20.16 3.39 -12.51
N LYS A 877 18.91 3.14 -12.94
CA LYS A 877 18.62 2.16 -13.97
C LYS A 877 18.57 2.78 -15.36
N LEU A 878 18.60 4.11 -15.50
CA LEU A 878 18.34 4.74 -16.78
C LEU A 878 19.63 4.92 -17.60
N ASP A 879 19.46 5.26 -18.88
CA ASP A 879 20.57 5.60 -19.75
C ASP A 879 21.33 6.76 -19.12
N THR A 880 22.61 6.89 -19.44
CA THR A 880 23.43 7.86 -18.69
C THR A 880 23.06 9.36 -18.80
N LYS A 881 22.43 9.79 -19.88
CA LYS A 881 21.93 11.16 -19.95
C LYS A 881 20.73 11.43 -19.00
N ARG A 882 19.80 10.47 -18.93
CA ARG A 882 18.69 10.60 -18.00
C ARG A 882 19.09 10.42 -16.55
N GLN A 883 20.06 9.56 -16.24
CA GLN A 883 20.73 9.52 -14.94
C GLN A 883 21.25 10.85 -14.51
N GLU A 884 22.03 11.46 -15.39
CA GLU A 884 22.58 12.78 -15.11
C GLU A 884 21.48 13.85 -14.79
N LEU A 885 20.44 13.93 -15.62
CA LEU A 885 19.35 14.93 -15.44
C LEU A 885 18.61 14.70 -14.11
N MET A 886 18.30 13.42 -13.83
CA MET A 886 17.63 13.10 -12.59
C MET A 886 18.50 13.45 -11.42
N LEU A 887 19.80 13.10 -11.54
CA LEU A 887 20.72 13.30 -10.47
C LEU A 887 20.80 14.81 -10.25
N ASN A 888 20.81 15.60 -11.32
CA ASN A 888 20.96 17.06 -11.12
CA ASN A 888 20.94 17.05 -11.14
C ASN A 888 19.74 17.63 -10.38
N GLU A 889 18.55 17.14 -10.70
CA GLU A 889 17.36 17.58 -9.97
C GLU A 889 17.37 17.14 -8.50
N MET A 890 17.79 15.88 -8.19
CA MET A 890 17.91 15.41 -6.82
C MET A 890 18.88 16.23 -6.00
N ASN A 891 20.05 16.52 -6.56
CA ASN A 891 21.01 17.38 -5.87
C ASN A 891 20.50 18.83 -5.67
N THR A 892 19.72 19.34 -6.62
CA THR A 892 19.06 20.67 -6.51
C THR A 892 18.08 20.62 -5.36
N MET A 893 17.26 19.56 -5.27
CA MET A 893 16.31 19.44 -4.14
C MET A 893 17.04 19.42 -2.78
N LEU A 894 18.19 18.75 -2.72
CA LEU A 894 18.97 18.55 -1.56
C LEU A 894 19.61 19.84 -1.05
N GLN A 895 19.79 20.77 -1.95
CA GLN A 895 20.32 22.13 -1.64
C GLN A 895 19.24 23.12 -1.17
N GLU A 896 17.99 22.70 -1.08
CA GLU A 896 16.91 23.62 -0.79
C GLU A 896 17.07 23.98 0.69
N PRO A 897 17.11 25.31 1.00
CA PRO A 897 17.27 25.53 2.43
C PRO A 897 15.97 25.13 3.19
N ASN A 898 16.16 24.65 4.43
CA ASN A 898 15.11 24.22 5.32
C ASN A 898 14.45 22.97 4.78
N ILE A 899 15.18 22.20 3.99
CA ILE A 899 14.63 20.85 3.56
C ILE A 899 14.29 20.04 4.78
N SER A 900 13.19 19.27 4.72
CA SER A 900 12.75 18.50 5.82
C SER A 900 13.77 17.40 6.05
N ASN A 901 13.78 16.86 7.27
CA ASN A 901 14.61 15.70 7.52
C ASN A 901 14.15 14.48 6.73
N ASN A 902 12.83 14.35 6.54
CA ASN A 902 12.23 13.26 5.70
C ASN A 902 12.82 13.28 4.33
N LEU A 903 12.76 14.45 3.69
CA LEU A 903 13.13 14.52 2.28
C LEU A 903 14.62 14.41 2.13
N LYS A 904 15.35 15.11 2.97
CA LYS A 904 16.79 14.98 2.98
C LYS A 904 17.29 13.56 3.23
N GLU A 905 16.74 12.82 4.19
CA GLU A 905 17.20 11.43 4.38
C GLU A 905 16.96 10.64 3.10
N TYR A 906 15.74 10.78 2.57
CA TYR A 906 15.28 9.96 1.44
C TYR A 906 16.23 10.16 0.28
N LEU A 907 16.44 11.43 -0.05
CA LEU A 907 17.30 11.79 -1.13
C LEU A 907 18.80 11.46 -0.96
N LEU A 908 19.35 11.62 0.27
CA LEU A 908 20.68 11.18 0.56
C LEU A 908 20.83 9.63 0.40
N ARG A 909 19.84 8.86 0.86
CA ARG A 909 19.94 7.41 0.68
C ARG A 909 19.83 7.05 -0.79
N LEU A 910 18.92 7.71 -1.48
CA LEU A 910 18.69 7.41 -2.86
C LEU A 910 19.86 7.72 -3.77
N THR A 911 20.65 8.77 -3.46
CA THR A 911 21.82 9.19 -4.26
C THR A 911 23.16 8.61 -3.72
N ASN A 912 23.10 7.58 -2.85
CA ASN A 912 24.25 6.79 -2.35
C ASN A 912 25.16 7.62 -1.46
N LYS A 913 24.57 8.62 -0.77
CA LYS A 913 25.32 9.48 0.15
C LYS A 913 25.12 9.08 1.62
N LEU A 914 24.15 8.21 1.89
CA LEU A 914 23.82 7.79 3.24
C LEU A 914 23.34 6.37 3.21
#